data_1EWY
#
_entry.id   1EWY
#
_cell.length_a   63.730
_cell.length_b   63.720
_cell.length_c   158.020
_cell.angle_alpha   90.00
_cell.angle_beta   90.00
_cell.angle_gamma   90.00
#
_symmetry.space_group_name_H-M   'P 21 21 21'
#
loop_
_entity.id
_entity.type
_entity.pdbx_description
1 polymer 'FERREDOXIN-NADP REDUCTASE'
2 polymer 'FERREDOXIN I'
3 non-polymer 'FLAVIN-ADENINE DINUCLEOTIDE'
4 non-polymer 'FE2/S2 (INORGANIC) CLUSTER'
5 water water
#
loop_
_entity_poly.entity_id
_entity_poly.type
_entity_poly.pdbx_seq_one_letter_code
_entity_poly.pdbx_strand_id
1 'polypeptide(L)'
;TQAKAKHADVPVNLYRPNAPFIGKVISNEPLVKEGGIGIVQHIKFDLTGGNLKYIEGQSIGIIPPGVDKNGKPEKLRLYS
IASTRHGDDVDDKTISLCVRQLEYKHPESGETVYGVCSTYLTHIEPGSEVKITGPVGKEMLLPDDPEANVIMLATGTGIA
PMRTYLWRMFKDAERAANPEYQFKGFSWLVFGVPTTPNILYKEELEEIQQKYPDNFRLTYAISREQKNPQGGRMYIQDRV
AEHADELWQLIKNQKTHTYICGLRGMEEGIDAALSAAAAKEGVTWSDYQKDLKKAGRWHVETY
;
A,B
2 'polypeptide(L)'
;ATFKVTLINEAEGTKHEIEVPDDEYILDAAEEQGYDLPFSCRAGACSTCAGKLVSGTVDQSDQSFLDDDQIEAGYVLTCV
AYPTSDVVIQTHKEEDLY
;
C
#
loop_
_chem_comp.id
_chem_comp.type
_chem_comp.name
_chem_comp.formula
FAD non-polymer 'FLAVIN-ADENINE DINUCLEOTIDE' 'C27 H33 N9 O15 P2'
FES non-polymer 'FE2/S2 (INORGANIC) CLUSTER' 'Fe2 S2'
#
# COMPACT_ATOMS: atom_id res chain seq x y z
N THR A 1 23.93 13.80 -12.22
CA THR A 1 23.71 13.95 -10.79
C THR A 1 24.66 14.96 -10.18
N GLN A 2 25.23 14.63 -9.03
CA GLN A 2 26.16 15.51 -8.34
C GLN A 2 26.37 16.80 -9.11
N ALA A 3 27.18 16.75 -10.15
CA ALA A 3 27.40 17.89 -11.02
C ALA A 3 26.21 18.10 -11.97
N LYS A 4 25.14 17.34 -11.73
CA LYS A 4 23.95 17.43 -12.57
C LYS A 4 23.15 18.68 -12.24
N ALA A 5 23.55 19.80 -12.83
CA ALA A 5 22.87 21.07 -12.61
C ALA A 5 23.09 22.02 -13.78
N LYS A 6 22.09 22.14 -14.65
CA LYS A 6 22.19 23.00 -15.82
C LYS A 6 20.84 23.16 -16.51
N HIS A 7 19.93 23.87 -15.86
CA HIS A 7 18.59 24.10 -16.42
C HIS A 7 17.58 24.42 -15.31
N ALA A 8 16.75 25.42 -15.58
CA ALA A 8 15.72 25.83 -14.62
C ALA A 8 16.36 26.57 -13.44
N ASP A 9 15.50 27.07 -12.54
CA ASP A 9 15.98 27.79 -11.36
C ASP A 9 15.58 27.07 -10.08
N VAL A 10 14.81 25.99 -10.23
CA VAL A 10 14.36 25.21 -9.09
C VAL A 10 15.32 24.05 -8.80
N PRO A 11 16.07 24.16 -7.71
CA PRO A 11 16.92 23.07 -7.25
C PRO A 11 16.16 21.76 -7.12
N VAL A 12 16.22 20.93 -8.16
CA VAL A 12 15.61 19.61 -8.11
C VAL A 12 16.61 18.53 -8.55
N ASN A 13 17.06 17.74 -7.57
CA ASN A 13 17.83 16.54 -7.86
C ASN A 13 19.26 16.87 -8.24
N LEU A 14 19.87 17.81 -7.52
CA LEU A 14 21.30 18.08 -7.66
C LEU A 14 22.13 17.05 -6.92
N TYR A 15 21.48 16.00 -6.43
CA TYR A 15 22.17 14.89 -5.78
C TYR A 15 21.37 13.60 -5.90
N ARG A 16 22.08 12.50 -6.13
CA ARG A 16 21.44 11.22 -6.43
C ARG A 16 21.96 10.11 -5.52
N PRO A 17 21.18 9.05 -5.36
CA PRO A 17 21.63 7.87 -4.61
C PRO A 17 22.99 7.38 -5.12
N ASN A 18 23.23 7.55 -6.40
CA ASN A 18 24.51 7.18 -7.00
C ASN A 18 25.60 8.18 -6.63
N ALA A 19 25.21 9.21 -5.89
CA ALA A 19 26.18 10.20 -5.40
C ALA A 19 25.68 10.85 -4.11
N PRO A 20 25.50 10.04 -3.08
CA PRO A 20 24.94 10.52 -1.81
C PRO A 20 25.68 11.75 -1.30
N PHE A 21 25.03 12.51 -0.41
CA PHE A 21 25.69 13.60 0.29
C PHE A 21 25.53 13.46 1.81
N ILE A 22 26.56 12.92 2.45
CA ILE A 22 26.44 12.46 3.83
C ILE A 22 26.34 13.64 4.80
N GLY A 23 25.25 14.39 4.68
CA GLY A 23 24.95 15.46 5.62
C GLY A 23 25.10 15.03 7.07
N LYS A 24 25.24 16.01 7.96
CA LYS A 24 25.47 15.72 9.38
C LYS A 24 24.42 16.41 10.26
N VAL A 25 24.07 15.76 11.36
CA VAL A 25 22.95 16.20 12.18
C VAL A 25 23.40 17.24 13.21
N ILE A 26 22.60 18.30 13.36
CA ILE A 26 22.87 19.32 14.35
C ILE A 26 22.03 19.10 15.61
N SER A 27 20.72 19.09 15.45
CA SER A 27 19.79 18.93 16.58
C SER A 27 18.75 17.85 16.30
N ASN A 28 17.96 17.53 17.31
CA ASN A 28 16.98 16.46 17.19
C ASN A 28 16.03 16.46 18.39
N GLU A 29 15.08 17.38 18.39
CA GLU A 29 14.23 17.61 19.56
C GLU A 29 12.82 17.09 19.33
N PRO A 30 12.19 16.63 20.40
CA PRO A 30 10.81 16.16 20.33
C PRO A 30 9.88 17.21 19.73
N LEU A 31 8.67 16.80 19.37
CA LEU A 31 7.63 17.73 18.95
C LEU A 31 6.28 17.39 19.58
N VAL A 32 6.13 16.13 19.98
CA VAL A 32 4.99 15.71 20.79
C VAL A 32 5.34 15.65 22.26
N LYS A 33 4.69 16.51 23.06
CA LYS A 33 4.97 16.58 24.49
C LYS A 33 4.22 15.49 25.25
N GLU A 34 4.53 15.35 26.54
CA GLU A 34 3.87 14.37 27.39
C GLU A 34 2.35 14.48 27.27
N GLY A 35 1.69 13.34 27.16
CA GLY A 35 0.27 13.29 26.90
C GLY A 35 -0.05 13.04 25.44
N GLY A 36 0.91 13.32 24.56
CA GLY A 36 0.73 13.17 23.13
C GLY A 36 0.67 11.72 22.70
N ILE A 37 0.30 11.48 21.45
CA ILE A 37 0.26 10.13 20.91
C ILE A 37 1.37 9.91 19.89
N GLY A 38 2.36 9.09 20.25
CA GLY A 38 3.41 8.67 19.33
C GLY A 38 4.63 9.55 19.42
N ILE A 39 5.62 9.30 18.58
CA ILE A 39 6.88 10.03 18.61
C ILE A 39 7.10 10.79 17.30
N VAL A 40 7.14 12.11 17.39
CA VAL A 40 7.48 12.96 16.25
C VAL A 40 8.48 14.04 16.64
N GLN A 41 9.59 14.09 15.93
CA GLN A 41 10.79 14.78 16.42
C GLN A 41 11.38 15.68 15.35
N HIS A 42 11.87 16.85 15.76
CA HIS A 42 12.50 17.79 14.84
C HIS A 42 13.96 17.45 14.62
N ILE A 43 14.34 17.26 13.36
CA ILE A 43 15.70 16.84 13.01
C ILE A 43 16.34 17.80 12.03
N LYS A 44 17.56 18.25 12.36
CA LYS A 44 18.20 19.35 11.64
C LYS A 44 19.60 18.97 11.18
N PHE A 45 19.82 19.01 9.87
CA PHE A 45 21.09 18.61 9.29
C PHE A 45 21.92 19.83 8.89
N ASP A 46 23.23 19.73 9.07
CA ASP A 46 24.16 20.69 8.48
C ASP A 46 24.49 20.31 7.04
N LEU A 47 24.67 21.33 6.19
CA LEU A 47 24.79 21.12 4.76
C LEU A 47 26.23 21.25 4.30
N THR A 48 27.06 21.87 5.13
CA THR A 48 28.48 22.02 4.82
C THR A 48 29.11 20.68 4.45
N GLY A 49 29.85 20.67 3.35
CA GLY A 49 30.36 19.44 2.77
C GLY A 49 29.77 19.16 1.40
N GLY A 50 28.81 19.98 0.99
CA GLY A 50 28.15 19.82 -0.29
C GLY A 50 27.54 21.10 -0.81
N ASN A 51 26.86 21.02 -1.94
CA ASN A 51 26.22 22.20 -2.54
C ASN A 51 24.71 22.08 -2.51
N LEU A 52 24.19 21.36 -1.52
CA LEU A 52 22.76 21.03 -1.46
C LEU A 52 21.90 22.28 -1.57
N LYS A 53 21.08 22.34 -2.60
CA LYS A 53 20.14 23.45 -2.78
C LYS A 53 18.70 22.98 -2.58
N TYR A 54 17.80 23.94 -2.41
CA TYR A 54 16.38 23.63 -2.23
C TYR A 54 15.57 24.89 -1.94
N ILE A 55 14.25 24.74 -1.91
CA ILE A 55 13.37 25.81 -1.43
C ILE A 55 12.23 25.24 -0.58
N GLU A 56 11.16 26.01 -0.47
CA GLU A 56 10.04 25.63 0.38
C GLU A 56 8.99 24.84 -0.39
N GLY A 57 8.83 23.57 -0.05
CA GLY A 57 7.83 22.71 -0.66
C GLY A 57 8.45 21.49 -1.31
N GLN A 58 9.77 21.48 -1.46
CA GLN A 58 10.47 20.35 -2.05
C GLN A 58 10.62 19.20 -1.05
N SER A 59 10.96 18.03 -1.57
CA SER A 59 11.22 16.87 -0.72
C SER A 59 12.70 16.53 -0.69
N ILE A 60 13.16 16.02 0.44
CA ILE A 60 14.54 15.58 0.58
C ILE A 60 14.63 14.09 0.94
N GLY A 61 15.42 13.35 0.17
CA GLY A 61 15.61 11.93 0.41
C GLY A 61 16.65 11.67 1.48
N ILE A 62 16.36 10.73 2.37
CA ILE A 62 17.35 10.23 3.31
C ILE A 62 17.62 8.74 3.10
N ILE A 63 18.90 8.39 3.02
CA ILE A 63 19.29 6.99 2.85
C ILE A 63 19.73 6.38 4.18
N PRO A 64 19.09 5.27 4.56
CA PRO A 64 19.44 4.58 5.80
C PRO A 64 20.75 3.81 5.66
N PRO A 65 21.44 3.64 6.78
CA PRO A 65 22.54 2.67 6.86
C PRO A 65 22.03 1.24 6.99
N GLY A 66 22.72 0.30 6.34
CA GLY A 66 22.43 -1.10 6.48
C GLY A 66 22.57 -1.87 5.17
N VAL A 67 23.16 -3.06 5.24
CA VAL A 67 23.30 -3.91 4.07
C VAL A 67 22.75 -5.31 4.33
N ASP A 68 22.38 -5.57 5.58
CA ASP A 68 21.85 -6.87 5.96
C ASP A 68 20.53 -6.73 6.71
N LYS A 69 19.43 -6.85 5.98
CA LYS A 69 18.12 -7.07 6.59
C LYS A 69 17.13 -7.62 5.57
N ASN A 70 17.37 -7.33 4.30
CA ASN A 70 16.61 -7.95 3.22
C ASN A 70 17.53 -8.30 2.04
N GLY A 71 18.81 -8.45 2.33
CA GLY A 71 19.77 -8.91 1.35
C GLY A 71 20.36 -7.78 0.53
N LYS A 72 19.51 -6.85 0.10
CA LYS A 72 19.94 -5.80 -0.80
C LYS A 72 20.29 -4.52 -0.04
N PRO A 73 21.00 -3.61 -0.71
CA PRO A 73 21.21 -2.26 -0.18
C PRO A 73 19.88 -1.60 0.20
N GLU A 74 19.88 -0.91 1.35
CA GLU A 74 18.73 -0.11 1.75
C GLU A 74 18.24 0.78 0.61
N LYS A 75 17.04 1.30 0.75
CA LYS A 75 16.42 2.11 -0.31
C LYS A 75 16.08 3.50 0.20
N LEU A 76 15.83 4.42 -0.72
CA LEU A 76 15.44 5.79 -0.38
C LEU A 76 14.12 5.80 0.39
N ARG A 77 14.05 6.65 1.42
CA ARG A 77 12.78 7.08 1.98
C ARG A 77 12.64 8.59 1.95
N LEU A 78 11.61 9.09 1.27
CA LEU A 78 11.50 10.50 0.97
C LEU A 78 10.84 11.26 2.12
N TYR A 79 11.31 12.49 2.35
CA TYR A 79 10.71 13.36 3.36
C TYR A 79 10.62 14.79 2.87
N SER A 80 9.66 15.54 3.42
CA SER A 80 9.42 16.92 2.99
C SER A 80 10.25 17.91 3.80
N ILE A 81 10.94 18.79 3.10
CA ILE A 81 11.71 19.85 3.75
C ILE A 81 10.85 20.64 4.72
N ALA A 82 11.22 20.62 6.01
CA ALA A 82 10.43 21.28 7.04
C ALA A 82 10.87 22.73 7.22
N SER A 83 11.74 23.19 6.32
CA SER A 83 12.38 24.50 6.49
C SER A 83 12.41 25.26 5.16
N THR A 84 12.52 26.58 5.24
CA THR A 84 12.78 27.40 4.06
C THR A 84 14.06 26.97 3.36
N ARG A 85 14.31 27.55 2.19
CA ARG A 85 15.51 27.25 1.42
C ARG A 85 16.76 27.60 2.20
N HIS A 86 16.68 28.67 2.99
CA HIS A 86 17.84 29.17 3.73
C HIS A 86 18.27 28.18 4.81
N GLY A 87 17.40 27.23 5.12
CA GLY A 87 17.58 26.34 6.26
C GLY A 87 16.88 26.86 7.50
N ASP A 88 17.00 26.12 8.61
CA ASP A 88 16.25 26.43 9.82
C ASP A 88 16.91 27.55 10.60
N ASP A 89 18.11 27.95 10.18
CA ASP A 89 18.87 28.96 10.90
C ASP A 89 18.98 30.25 10.07
N VAL A 90 18.09 30.39 9.10
CA VAL A 90 18.03 31.61 8.30
C VAL A 90 19.40 31.97 7.72
N ASP A 91 20.09 30.96 7.19
CA ASP A 91 21.35 31.19 6.49
C ASP A 91 21.33 30.56 5.11
N ASP A 92 21.97 29.40 4.98
CA ASP A 92 21.94 28.64 3.73
C ASP A 92 22.66 27.31 3.89
N LYS A 93 22.88 26.90 5.14
CA LYS A 93 23.81 25.82 5.44
C LYS A 93 23.11 24.67 6.15
N THR A 94 21.83 24.87 6.45
CA THR A 94 21.09 23.92 7.28
C THR A 94 19.82 23.46 6.59
N ILE A 95 19.12 22.52 7.22
CA ILE A 95 17.78 22.12 6.78
C ILE A 95 17.13 21.17 7.77
N SER A 96 15.82 21.31 7.95
CA SER A 96 15.12 20.63 9.04
C SER A 96 14.13 19.60 8.49
N LEU A 97 13.93 18.53 9.26
CA LEU A 97 13.05 17.44 8.85
C LEU A 97 11.95 17.21 9.87
N CYS A 98 10.80 16.74 9.40
CA CYS A 98 9.70 16.37 10.30
C CYS A 98 9.35 14.89 10.15
N VAL A 99 9.83 14.07 11.08
CA VAL A 99 9.75 12.62 10.95
C VAL A 99 8.98 12.01 12.11
N ARG A 100 7.95 11.24 11.79
CA ARG A 100 7.24 10.44 12.79
C ARG A 100 7.76 9.00 12.81
N GLN A 101 7.80 8.41 13.99
CA GLN A 101 8.19 7.00 14.12
C GLN A 101 7.09 6.07 13.64
N LEU A 102 7.40 5.27 12.63
CA LEU A 102 6.45 4.29 12.11
C LEU A 102 6.51 2.99 12.91
N GLU A 103 5.39 2.64 13.53
CA GLU A 103 5.25 1.35 14.21
C GLU A 103 3.88 0.75 13.97
N TYR A 104 3.83 -0.57 13.80
CA TYR A 104 2.57 -1.29 13.68
C TYR A 104 2.71 -2.74 14.11
N LYS A 105 1.63 -3.30 14.66
CA LYS A 105 1.57 -4.73 14.94
C LYS A 105 1.52 -5.54 13.65
N HIS A 106 2.34 -6.59 13.59
CA HIS A 106 2.44 -7.42 12.39
C HIS A 106 1.07 -7.91 11.94
N PRO A 107 0.83 -7.89 10.64
CA PRO A 107 -0.44 -8.36 10.09
C PRO A 107 -0.78 -9.77 10.56
N GLU A 108 0.25 -10.55 10.86
CA GLU A 108 0.06 -11.97 11.18
C GLU A 108 0.36 -12.25 12.64
N SER A 109 1.59 -11.97 13.05
CA SER A 109 2.06 -12.34 14.38
C SER A 109 1.84 -11.22 15.38
N GLY A 110 1.33 -10.09 14.90
CA GLY A 110 0.89 -9.01 15.76
C GLY A 110 2.04 -8.20 16.32
N GLU A 111 3.26 -8.69 16.13
CA GLU A 111 4.44 -8.02 16.65
C GLU A 111 4.55 -6.59 16.12
N THR A 112 4.78 -5.65 17.03
CA THR A 112 5.05 -4.27 16.64
C THR A 112 6.32 -4.17 15.79
N VAL A 113 6.22 -3.48 14.67
CA VAL A 113 7.35 -3.32 13.76
C VAL A 113 7.75 -1.86 13.63
N TYR A 114 9.05 -1.63 13.40
CA TYR A 114 9.58 -0.28 13.31
C TYR A 114 10.21 -0.02 11.95
N GLY A 115 9.60 0.87 11.17
CA GLY A 115 10.15 1.30 9.90
C GLY A 115 11.62 1.65 9.99
N VAL A 116 12.41 1.10 9.07
CA VAL A 116 13.87 1.16 9.19
C VAL A 116 14.36 2.59 9.29
N CYS A 117 13.80 3.47 8.47
CA CYS A 117 14.35 4.81 8.29
C CYS A 117 13.96 5.72 9.44
N SER A 118 12.66 5.98 9.58
CA SER A 118 12.18 6.93 10.58
C SER A 118 12.57 6.51 11.98
N THR A 119 12.62 5.19 12.21
CA THR A 119 13.16 4.65 13.45
C THR A 119 14.64 4.97 13.60
N TYR A 120 15.33 5.11 12.47
CA TYR A 120 16.71 5.58 12.46
C TYR A 120 16.79 7.06 12.84
N LEU A 121 16.05 7.90 12.12
CA LEU A 121 16.10 9.33 12.33
C LEU A 121 15.66 9.71 13.74
N THR A 122 14.50 9.18 14.14
CA THR A 122 13.86 9.61 15.37
C THR A 122 14.80 9.46 16.58
N HIS A 123 15.66 8.46 16.51
CA HIS A 123 16.60 8.19 17.61
C HIS A 123 18.00 8.67 17.25
N ILE A 124 18.08 9.60 16.30
CA ILE A 124 19.34 9.92 15.65
C ILE A 124 20.25 10.75 16.56
N GLU A 125 21.55 10.61 16.37
CA GLU A 125 22.53 11.29 17.23
C GLU A 125 23.12 12.50 16.53
N PRO A 126 23.26 13.60 17.28
CA PRO A 126 23.94 14.79 16.77
C PRO A 126 25.29 14.46 16.16
N GLY A 127 25.54 14.96 14.95
CA GLY A 127 26.79 14.71 14.25
C GLY A 127 26.86 13.29 13.70
N SER A 128 25.76 12.55 13.79
CA SER A 128 25.64 11.28 13.10
C SER A 128 25.57 11.46 11.59
N GLU A 129 26.51 10.86 10.89
CA GLU A 129 26.62 11.02 9.44
C GLU A 129 25.37 10.48 8.74
N VAL A 130 24.70 11.34 7.98
CA VAL A 130 23.49 10.95 7.27
C VAL A 130 23.60 11.27 5.78
N LYS A 131 23.35 10.26 4.95
CA LYS A 131 23.36 10.45 3.50
C LYS A 131 22.06 11.08 3.02
N ILE A 132 22.15 12.30 2.48
CA ILE A 132 20.99 12.98 1.94
C ILE A 132 20.95 12.88 0.42
N THR A 133 19.74 12.72 -0.12
CA THR A 133 19.53 12.82 -1.56
C THR A 133 18.90 14.17 -1.93
N GLY A 134 19.40 14.77 -3.01
CA GLY A 134 18.95 16.07 -3.45
C GLY A 134 17.44 16.19 -3.47
N PRO A 135 16.94 17.40 -3.69
CA PRO A 135 15.50 17.65 -3.59
C PRO A 135 14.73 17.03 -4.77
N VAL A 136 13.51 16.58 -4.49
CA VAL A 136 12.67 15.99 -5.52
C VAL A 136 11.21 16.42 -5.36
N GLY A 137 10.89 17.61 -5.87
CA GLY A 137 9.57 18.20 -5.70
C GLY A 137 9.33 19.36 -6.65
N LYS A 138 8.11 19.46 -7.15
CA LYS A 138 7.71 20.59 -7.99
C LYS A 138 6.21 20.78 -7.99
N GLU A 139 5.51 19.95 -7.22
CA GLU A 139 4.05 20.01 -7.16
C GLU A 139 3.58 20.83 -5.96
N MET A 140 4.49 21.11 -5.04
CA MET A 140 4.20 21.95 -3.89
C MET A 140 5.16 23.14 -3.82
N LEU A 141 5.37 23.79 -4.96
CA LEU A 141 6.14 25.03 -4.99
C LEU A 141 5.34 26.20 -4.46
N LEU A 142 6.01 27.08 -3.72
CA LEU A 142 5.36 28.26 -3.15
C LEU A 142 5.50 29.45 -4.08
N PRO A 143 4.36 30.06 -4.44
CA PRO A 143 4.36 31.12 -5.46
C PRO A 143 5.01 32.40 -4.94
N ASP A 144 5.58 33.17 -5.85
CA ASP A 144 6.42 34.31 -5.48
C ASP A 144 5.59 35.56 -5.26
N ASP A 145 4.27 35.41 -5.37
CA ASP A 145 3.36 36.55 -5.31
C ASP A 145 2.80 36.74 -3.90
N PRO A 146 3.27 37.77 -3.21
CA PRO A 146 2.80 38.05 -1.85
C PRO A 146 1.27 38.14 -1.79
N GLU A 147 0.66 38.62 -2.86
CA GLU A 147 -0.78 38.82 -2.91
C GLU A 147 -1.52 37.49 -2.84
N ALA A 148 -0.89 36.44 -3.35
CA ALA A 148 -1.53 35.14 -3.44
C ALA A 148 -2.09 34.69 -2.10
N ASN A 149 -3.14 33.87 -2.13
CA ASN A 149 -3.70 33.29 -0.93
C ASN A 149 -3.31 31.82 -0.80
N VAL A 150 -2.71 31.47 0.34
CA VAL A 150 -2.18 30.13 0.54
C VAL A 150 -3.06 29.34 1.51
N ILE A 151 -3.96 28.55 0.96
CA ILE A 151 -4.75 27.61 1.77
C ILE A 151 -3.98 26.32 2.04
N MET A 152 -3.92 25.93 3.31
CA MET A 152 -3.07 24.83 3.73
C MET A 152 -3.84 23.84 4.60
N LEU A 153 -4.22 22.72 4.00
CA LEU A 153 -4.86 21.63 4.74
C LEU A 153 -3.88 20.48 4.97
N ALA A 154 -3.39 20.36 6.19
CA ALA A 154 -2.40 19.35 6.53
C ALA A 154 -2.83 18.54 7.76
N THR A 155 -2.44 17.27 7.79
CA THR A 155 -2.60 16.45 8.98
C THR A 155 -1.26 15.86 9.43
N GLY A 156 -1.10 15.69 10.73
CA GLY A 156 0.10 15.11 11.29
C GLY A 156 1.37 15.76 10.75
N THR A 157 2.29 14.93 10.26
CA THR A 157 3.59 15.43 9.81
C THR A 157 3.50 16.04 8.42
N GLY A 158 2.27 16.18 7.92
CA GLY A 158 2.01 16.98 6.74
C GLY A 158 2.13 18.46 7.02
N ILE A 159 2.51 18.82 8.25
CA ILE A 159 2.72 20.21 8.62
C ILE A 159 4.11 20.68 8.21
N ALA A 160 4.91 19.76 7.69
CA ALA A 160 6.19 20.12 7.08
C ALA A 160 6.04 21.31 6.13
N PRO A 161 5.27 21.18 5.06
CA PRO A 161 5.48 22.06 3.90
C PRO A 161 4.88 23.44 4.15
N MET A 162 3.92 23.52 5.07
CA MET A 162 3.31 24.78 5.44
C MET A 162 4.20 25.57 6.41
N ARG A 163 5.05 24.84 7.14
CA ARG A 163 6.06 25.47 7.96
C ARG A 163 7.03 26.29 7.13
N THR A 164 7.51 25.70 6.04
CA THR A 164 8.35 26.41 5.09
C THR A 164 7.58 27.55 4.41
N TYR A 165 6.33 27.28 4.08
CA TYR A 165 5.42 28.32 3.61
C TYR A 165 5.29 29.44 4.64
N LEU A 166 4.92 29.06 5.87
CA LEU A 166 4.55 30.04 6.88
C LEU A 166 5.78 30.74 7.45
N TRP A 167 6.87 29.98 7.61
CA TRP A 167 8.12 30.52 8.14
C TRP A 167 8.63 31.67 7.26
N ARG A 168 8.92 31.36 6.01
CA ARG A 168 9.35 32.38 5.05
C ARG A 168 8.42 33.58 5.07
N MET A 169 7.11 33.32 5.12
CA MET A 169 6.11 34.38 5.10
C MET A 169 6.29 35.31 6.29
N PHE A 170 6.46 34.74 7.48
CA PHE A 170 6.12 35.43 8.72
C PHE A 170 7.25 35.33 9.73
N LYS A 171 8.35 34.72 9.33
CA LYS A 171 9.58 34.78 10.10
C LYS A 171 10.31 36.10 9.89
N ASP A 172 10.54 36.82 10.99
CA ASP A 172 11.23 38.10 10.94
C ASP A 172 12.55 37.98 10.17
N ALA A 173 13.37 37.02 10.56
CA ALA A 173 14.64 36.79 9.89
C ALA A 173 14.46 36.68 8.38
N GLU A 174 13.86 35.58 7.93
CA GLU A 174 13.61 35.37 6.51
C GLU A 174 12.95 36.58 5.87
N ARG A 175 12.01 37.18 6.59
CA ARG A 175 11.36 38.41 6.14
C ARG A 175 12.38 39.45 5.72
N ALA A 176 13.52 39.47 6.41
CA ALA A 176 14.61 40.36 6.05
C ALA A 176 15.60 39.67 5.12
N ALA A 177 15.63 38.35 5.17
CA ALA A 177 16.50 37.57 4.29
C ALA A 177 15.91 37.44 2.89
N ASN A 178 14.61 37.74 2.77
CA ASN A 178 13.95 37.74 1.48
C ASN A 178 13.12 39.01 1.28
N PRO A 179 13.80 40.15 1.27
CA PRO A 179 13.12 41.44 1.17
C PRO A 179 12.16 41.48 -0.01
N GLU A 180 12.49 40.76 -1.07
CA GLU A 180 11.68 40.76 -2.28
C GLU A 180 10.54 39.74 -2.18
N TYR A 181 10.04 39.55 -0.96
CA TYR A 181 8.82 38.77 -0.75
C TYR A 181 8.23 39.03 0.63
N GLN A 182 7.58 40.18 0.79
CA GLN A 182 6.91 40.51 2.04
C GLN A 182 5.42 40.19 1.97
N PHE A 183 5.05 39.00 2.44
CA PHE A 183 3.68 38.51 2.28
C PHE A 183 2.67 39.52 2.82
N LYS A 184 1.80 40.00 1.93
CA LYS A 184 0.75 40.94 2.32
C LYS A 184 -0.63 40.36 2.05
N GLY A 185 -0.67 39.13 1.54
CA GLY A 185 -1.92 38.45 1.23
C GLY A 185 -2.56 37.86 2.48
N PHE A 186 -3.30 36.77 2.30
CA PHE A 186 -3.92 36.08 3.43
C PHE A 186 -3.80 34.56 3.29
N SER A 187 -3.03 33.96 4.18
CA SER A 187 -2.89 32.51 4.22
C SER A 187 -3.73 31.90 5.35
N TRP A 188 -4.06 30.63 5.20
CA TRP A 188 -4.99 29.97 6.12
C TRP A 188 -4.65 28.50 6.28
N LEU A 189 -4.33 28.11 7.52
CA LEU A 189 -3.92 26.73 7.80
C LEU A 189 -4.96 26.00 8.62
N VAL A 190 -5.45 24.89 8.10
CA VAL A 190 -6.25 23.95 8.88
C VAL A 190 -5.44 22.72 9.28
N PHE A 191 -5.32 22.48 10.58
CA PHE A 191 -4.35 21.54 11.10
C PHE A 191 -5.04 20.44 11.91
N GLY A 192 -4.95 19.21 11.42
CA GLY A 192 -5.61 18.07 12.05
C GLY A 192 -4.65 17.22 12.86
N VAL A 193 -5.02 16.93 14.11
CA VAL A 193 -4.16 16.19 15.01
C VAL A 193 -4.95 15.60 16.17
N PRO A 194 -4.45 14.50 16.73
CA PRO A 194 -5.22 13.76 17.74
C PRO A 194 -5.36 14.54 19.05
N THR A 195 -4.28 15.18 19.47
CA THR A 195 -4.23 15.79 20.79
C THR A 195 -3.66 17.21 20.73
N THR A 196 -4.10 18.05 21.65
CA THR A 196 -3.42 19.32 21.91
C THR A 196 -1.91 19.17 21.92
N PRO A 197 -1.33 18.29 22.72
CA PRO A 197 0.14 18.24 22.81
C PRO A 197 0.75 17.60 21.57
N ASN A 198 -0.11 17.11 20.67
CA ASN A 198 0.32 16.62 19.37
C ASN A 198 0.44 17.75 18.37
N ILE A 199 -0.07 18.92 18.74
CA ILE A 199 -0.03 20.09 17.85
C ILE A 199 1.41 20.51 17.57
N LEU A 200 1.97 20.01 16.48
CA LEU A 200 3.37 20.26 16.15
C LEU A 200 3.61 21.73 15.83
N TYR A 201 4.61 22.31 16.49
CA TYR A 201 5.04 23.67 16.19
C TYR A 201 4.05 24.70 16.73
N LYS A 202 3.24 24.27 17.69
CA LYS A 202 2.11 25.07 18.15
C LYS A 202 2.55 26.47 18.58
N GLU A 203 3.65 26.54 19.32
CA GLU A 203 4.02 27.75 20.03
C GLU A 203 4.78 28.71 19.11
N GLU A 204 4.79 28.38 17.82
CA GLU A 204 5.33 29.29 16.81
C GLU A 204 4.26 29.69 15.80
N LEU A 205 3.49 28.70 15.35
CA LEU A 205 2.37 28.96 14.46
C LEU A 205 1.34 29.89 15.11
N GLU A 206 1.34 29.92 16.43
CA GLU A 206 0.42 30.79 17.17
C GLU A 206 1.05 32.16 17.42
N GLU A 207 2.36 32.19 17.61
CA GLU A 207 3.12 33.43 17.55
C GLU A 207 2.90 34.14 16.21
N ILE A 208 2.86 33.36 15.14
CA ILE A 208 2.56 33.88 13.81
C ILE A 208 1.12 34.40 13.75
N GLN A 209 0.28 33.89 14.65
CA GLN A 209 -1.13 34.27 14.68
C GLN A 209 -1.31 35.67 15.25
N GLN A 210 -0.81 35.89 16.46
CA GLN A 210 -1.04 37.15 17.17
C GLN A 210 -0.31 38.30 16.50
N LYS A 211 0.59 37.97 15.58
CA LYS A 211 1.42 38.98 14.93
C LYS A 211 0.87 39.36 13.56
N TYR A 212 0.15 38.43 12.93
CA TYR A 212 -0.41 38.66 11.61
C TYR A 212 -1.87 38.22 11.55
N PRO A 213 -2.73 38.90 12.29
CA PRO A 213 -4.16 38.62 12.25
C PRO A 213 -4.71 38.65 10.83
N ASP A 214 -4.09 39.47 9.98
CA ASP A 214 -4.69 39.84 8.70
C ASP A 214 -4.17 38.98 7.57
N ASN A 215 -3.14 38.19 7.86
CA ASN A 215 -2.41 37.45 6.83
C ASN A 215 -2.38 35.95 7.14
N PHE A 216 -2.79 35.60 8.34
CA PHE A 216 -2.78 34.20 8.77
C PHE A 216 -3.98 33.89 9.66
N ARG A 217 -4.74 32.86 9.30
CA ARG A 217 -5.72 32.27 10.19
C ARG A 217 -5.40 30.81 10.48
N LEU A 218 -5.75 30.34 11.67
CA LEU A 218 -5.22 29.09 12.19
C LEU A 218 -6.33 28.26 12.84
N THR A 219 -6.65 27.12 12.22
CA THR A 219 -7.71 26.26 12.71
C THR A 219 -7.19 24.87 13.05
N TYR A 220 -7.28 24.50 14.32
CA TYR A 220 -6.94 23.15 14.77
C TYR A 220 -8.09 22.19 14.51
N ALA A 221 -7.75 20.93 14.28
CA ALA A 221 -8.70 19.83 14.43
C ALA A 221 -8.16 18.75 15.36
N ILE A 222 -8.74 18.65 16.55
CA ILE A 222 -8.26 17.72 17.56
C ILE A 222 -9.32 16.67 17.89
N SER A 223 -9.30 15.57 17.15
CA SER A 223 -10.35 14.56 17.26
C SER A 223 -10.54 14.10 18.69
N ARG A 224 -9.43 13.96 19.42
CA ARG A 224 -9.45 13.29 20.72
C ARG A 224 -9.98 14.21 21.81
N GLU A 225 -10.27 15.45 21.43
CA GLU A 225 -10.74 16.44 22.40
C GLU A 225 -11.52 17.55 21.71
N GLN A 226 -12.24 17.19 20.65
CA GLN A 226 -13.07 18.16 19.93
C GLN A 226 -14.22 17.46 19.21
N LYS A 227 -15.42 18.00 19.37
CA LYS A 227 -16.62 17.38 18.82
C LYS A 227 -17.45 18.38 18.01
N ASN A 228 -17.88 17.94 16.82
CA ASN A 228 -18.86 18.70 16.06
C ASN A 228 -20.26 18.59 16.67
N PRO A 229 -21.10 19.58 16.41
CA PRO A 229 -22.42 19.64 17.03
C PRO A 229 -23.20 18.34 16.85
N GLN A 230 -22.95 17.66 15.74
CA GLN A 230 -23.65 16.42 15.44
C GLN A 230 -23.09 15.25 16.24
N GLY A 231 -22.15 15.54 17.13
CA GLY A 231 -21.67 14.59 18.10
C GLY A 231 -20.64 13.63 17.52
N GLY A 232 -19.53 14.17 17.02
CA GLY A 232 -18.51 13.38 16.37
C GLY A 232 -17.14 14.04 16.43
N ARG A 233 -16.13 13.28 16.82
CA ARG A 233 -14.82 13.84 17.08
C ARG A 233 -14.32 14.65 15.90
N MET A 234 -13.53 15.69 16.19
CA MET A 234 -13.15 16.67 15.17
C MET A 234 -12.00 16.14 14.31
N TYR A 235 -12.32 15.83 13.05
CA TYR A 235 -11.28 15.64 12.04
C TYR A 235 -11.27 16.81 11.05
N ILE A 236 -10.13 16.99 10.39
CA ILE A 236 -9.94 18.13 9.49
C ILE A 236 -11.06 18.20 8.45
N GLN A 237 -11.43 17.04 7.91
CA GLN A 237 -12.60 16.93 7.04
C GLN A 237 -13.83 17.56 7.70
N ASP A 238 -13.92 17.43 9.01
CA ASP A 238 -15.04 17.99 9.76
C ASP A 238 -14.90 19.49 9.94
N ARG A 239 -13.65 19.95 10.04
CA ARG A 239 -13.37 21.39 10.12
C ARG A 239 -13.59 22.07 8.78
N VAL A 240 -13.10 21.44 7.71
CA VAL A 240 -13.40 21.90 6.35
C VAL A 240 -14.90 21.98 6.12
N ALA A 241 -15.60 20.89 6.40
CA ALA A 241 -17.05 20.85 6.27
C ALA A 241 -17.70 22.04 6.98
N GLU A 242 -17.17 22.38 8.15
CA GLU A 242 -17.71 23.48 8.94
C GLU A 242 -17.45 24.83 8.26
N HIS A 243 -16.33 24.92 7.56
CA HIS A 243 -15.95 26.16 6.89
C HIS A 243 -15.96 25.99 5.37
N ALA A 244 -16.73 25.02 4.89
CA ALA A 244 -16.80 24.72 3.46
C ALA A 244 -17.16 25.97 2.66
N ASP A 245 -18.31 26.56 2.98
CA ASP A 245 -18.76 27.76 2.29
C ASP A 245 -17.68 28.83 2.24
N GLU A 246 -17.13 29.17 3.41
CA GLU A 246 -15.99 30.06 3.49
C GLU A 246 -14.88 29.64 2.54
N LEU A 247 -14.35 28.43 2.77
CA LEU A 247 -13.19 27.96 2.03
C LEU A 247 -13.46 27.95 0.52
N TRP A 248 -14.56 27.33 0.13
CA TRP A 248 -15.01 27.36 -1.26
C TRP A 248 -14.94 28.77 -1.83
N GLN A 249 -15.42 29.74 -1.06
CA GLN A 249 -15.39 31.14 -1.47
C GLN A 249 -13.97 31.57 -1.85
N LEU A 250 -13.00 31.15 -1.03
CA LEU A 250 -11.61 31.54 -1.25
C LEU A 250 -11.12 31.05 -2.61
N ILE A 251 -11.14 29.74 -2.82
CA ILE A 251 -10.43 29.12 -3.93
C ILE A 251 -11.02 29.55 -5.27
N LYS A 252 -12.23 30.10 -5.23
CA LYS A 252 -12.87 30.64 -6.42
C LYS A 252 -12.23 31.96 -6.83
N ASN A 253 -11.43 32.53 -5.93
CA ASN A 253 -10.57 33.66 -6.27
C ASN A 253 -9.66 33.31 -7.45
N GLN A 254 -8.86 34.29 -7.87
CA GLN A 254 -8.13 34.20 -9.14
C GLN A 254 -6.75 33.59 -8.92
N LYS A 255 -6.08 34.02 -7.85
CA LYS A 255 -4.72 33.57 -7.56
C LYS A 255 -4.66 32.81 -6.25
N THR A 256 -5.82 32.32 -5.80
CA THR A 256 -5.88 31.50 -4.59
C THR A 256 -5.41 30.08 -4.85
N HIS A 257 -4.40 29.65 -4.10
CA HIS A 257 -3.84 28.31 -4.27
C HIS A 257 -4.05 27.47 -3.02
N THR A 258 -4.14 26.15 -3.20
CA THR A 258 -4.41 25.24 -2.10
C THR A 258 -3.30 24.20 -1.96
N TYR A 259 -2.93 23.90 -0.72
CA TYR A 259 -1.89 22.93 -0.44
C TYR A 259 -2.33 21.92 0.62
N ILE A 260 -2.41 20.66 0.22
CA ILE A 260 -2.76 19.58 1.15
C ILE A 260 -1.62 18.58 1.28
N CYS A 261 -1.25 18.27 2.52
CA CYS A 261 -0.18 17.31 2.78
C CYS A 261 -0.44 16.53 4.07
N GLY A 262 0.15 15.34 4.17
CA GLY A 262 -0.11 14.43 5.25
C GLY A 262 -0.48 13.05 4.78
N LEU A 263 -0.80 12.15 5.72
CA LEU A 263 -0.96 10.74 5.40
C LEU A 263 -2.18 10.50 4.52
N ARG A 264 -2.06 9.54 3.60
CA ARG A 264 -3.09 9.31 2.61
C ARG A 264 -4.46 9.07 3.25
N GLY A 265 -5.51 9.56 2.60
CA GLY A 265 -6.87 9.34 3.05
C GLY A 265 -7.49 10.60 3.64
N MET A 266 -6.79 11.72 3.53
CA MET A 266 -7.28 12.98 4.06
C MET A 266 -8.07 13.76 3.01
N GLU A 267 -7.92 13.35 1.75
CA GLU A 267 -8.36 14.17 0.63
C GLU A 267 -9.81 13.86 0.25
N GLU A 268 -10.29 12.70 0.66
CA GLU A 268 -11.62 12.23 0.26
C GLU A 268 -12.71 12.97 1.04
N GLY A 269 -12.51 13.12 2.34
CA GLY A 269 -13.43 13.86 3.19
C GLY A 269 -13.53 15.32 2.78
N ILE A 270 -12.43 15.88 2.28
CA ILE A 270 -12.35 17.31 2.00
C ILE A 270 -12.96 17.65 0.65
N ASP A 271 -12.79 16.74 -0.31
CA ASP A 271 -13.42 16.87 -1.61
C ASP A 271 -14.94 16.80 -1.50
N ALA A 272 -15.41 15.97 -0.58
CA ALA A 272 -16.85 15.86 -0.31
C ALA A 272 -17.42 17.16 0.22
N ALA A 273 -16.68 17.81 1.10
CA ALA A 273 -17.11 19.08 1.69
C ALA A 273 -17.29 20.15 0.62
N LEU A 274 -16.20 20.53 -0.02
CA LEU A 274 -16.23 21.55 -1.07
C LEU A 274 -17.27 21.19 -2.13
N SER A 275 -17.41 19.90 -2.41
CA SER A 275 -18.39 19.42 -3.39
C SER A 275 -19.79 19.90 -3.04
N ALA A 276 -20.22 19.61 -1.82
CA ALA A 276 -21.57 19.94 -1.39
C ALA A 276 -21.80 21.44 -1.35
N ALA A 277 -20.84 22.17 -0.79
CA ALA A 277 -20.95 23.62 -0.66
C ALA A 277 -20.84 24.31 -2.01
N ALA A 278 -20.20 23.63 -2.96
CA ALA A 278 -20.02 24.19 -4.29
C ALA A 278 -21.19 23.84 -5.21
N ALA A 279 -21.77 22.67 -4.99
CA ALA A 279 -22.94 22.24 -5.76
C ALA A 279 -24.12 23.16 -5.50
N LYS A 280 -24.18 23.73 -4.30
CA LYS A 280 -25.22 24.68 -3.95
C LYS A 280 -25.20 25.89 -4.89
N GLU A 281 -24.01 26.35 -5.23
CA GLU A 281 -23.84 27.31 -6.32
C GLU A 281 -23.83 26.61 -7.67
N GLY A 282 -24.26 25.35 -7.67
CA GLY A 282 -24.35 24.57 -8.90
C GLY A 282 -23.01 24.40 -9.59
N VAL A 283 -22.27 23.38 -9.20
CA VAL A 283 -21.01 23.04 -9.87
C VAL A 283 -20.45 21.71 -9.36
N THR A 284 -19.93 20.91 -10.28
CA THR A 284 -19.28 19.65 -9.92
C THR A 284 -17.86 19.90 -9.43
N TRP A 285 -17.65 19.72 -8.14
CA TRP A 285 -16.36 20.01 -7.52
C TRP A 285 -15.26 19.13 -8.11
N SER A 286 -15.65 17.97 -8.60
CA SER A 286 -14.71 17.09 -9.32
C SER A 286 -14.24 17.72 -10.61
N ASP A 287 -15.16 18.36 -11.33
CA ASP A 287 -14.82 19.08 -12.55
C ASP A 287 -14.05 20.36 -12.24
N TYR A 288 -14.55 21.12 -11.26
CA TYR A 288 -13.89 22.35 -10.84
C TYR A 288 -12.49 22.07 -10.33
N GLN A 289 -12.36 21.04 -9.50
CA GLN A 289 -11.05 20.59 -9.02
C GLN A 289 -10.24 19.98 -10.16
N LYS A 290 -10.92 19.29 -11.06
CA LYS A 290 -10.26 18.70 -12.23
C LYS A 290 -9.42 19.71 -12.98
N ASP A 291 -9.87 20.98 -12.96
CA ASP A 291 -9.32 21.99 -13.85
C ASP A 291 -8.35 22.91 -13.10
N LEU A 292 -8.37 22.83 -11.78
CA LEU A 292 -7.54 23.70 -10.95
C LEU A 292 -6.14 23.13 -10.78
N LYS A 293 -6.00 21.82 -11.02
CA LYS A 293 -4.69 21.20 -11.08
C LYS A 293 -3.92 21.62 -12.33
N LYS A 294 -4.64 21.75 -13.44
CA LYS A 294 -4.06 22.26 -14.67
C LYS A 294 -3.59 23.70 -14.50
N ALA A 295 -4.43 24.53 -13.87
CA ALA A 295 -4.10 25.91 -13.60
C ALA A 295 -3.09 26.04 -12.47
N GLY A 296 -2.71 24.90 -11.89
CA GLY A 296 -1.63 24.84 -10.93
C GLY A 296 -2.01 25.42 -9.58
N ARG A 297 -3.31 25.41 -9.28
CA ARG A 297 -3.82 26.11 -8.10
C ARG A 297 -4.16 25.13 -6.99
N TRP A 298 -4.19 23.84 -7.33
CA TRP A 298 -4.50 22.79 -6.36
C TRP A 298 -3.33 21.83 -6.19
N HIS A 299 -2.79 21.77 -4.97
CA HIS A 299 -1.53 21.07 -4.73
C HIS A 299 -1.68 19.99 -3.68
N VAL A 300 -1.53 18.73 -4.10
CA VAL A 300 -1.73 17.59 -3.22
C VAL A 300 -0.47 16.75 -3.09
N GLU A 301 -0.03 16.55 -1.85
CA GLU A 301 0.99 15.55 -1.56
C GLU A 301 0.63 14.73 -0.32
N THR A 302 0.13 13.52 -0.55
CA THR A 302 -0.30 12.66 0.55
C THR A 302 0.33 11.27 0.43
N TYR A 303 0.94 10.82 1.52
CA TYR A 303 1.76 9.61 1.49
C TYR A 303 1.26 8.58 2.49
N THR B 1 -20.99 -9.41 -17.23
CA THR B 1 -21.78 -9.82 -16.08
C THR B 1 -22.55 -11.11 -16.36
N GLN B 2 -23.87 -11.07 -16.15
CA GLN B 2 -24.71 -12.22 -16.38
C GLN B 2 -24.54 -12.76 -17.80
N ALA B 3 -24.59 -11.86 -18.78
CA ALA B 3 -24.44 -12.24 -20.18
C ALA B 3 -23.03 -12.75 -20.47
N LYS B 4 -22.18 -12.73 -19.44
CA LYS B 4 -20.81 -13.19 -19.58
C LYS B 4 -20.73 -14.70 -19.70
N ALA B 5 -19.95 -15.18 -20.65
CA ALA B 5 -19.79 -16.62 -20.87
C ALA B 5 -19.76 -16.95 -22.36
N LYS B 6 -18.56 -17.24 -22.86
CA LYS B 6 -18.39 -17.57 -24.27
C LYS B 6 -16.91 -17.61 -24.65
N HIS B 7 -16.28 -18.76 -24.41
CA HIS B 7 -14.86 -18.92 -24.73
C HIS B 7 -14.04 -19.20 -23.47
N ALA B 8 -13.15 -20.18 -23.57
CA ALA B 8 -12.31 -20.55 -22.44
C ALA B 8 -12.82 -21.82 -21.76
N ASP B 9 -14.14 -21.97 -21.70
CA ASP B 9 -14.76 -23.13 -21.08
C ASP B 9 -14.77 -23.01 -19.56
N VAL B 10 -13.76 -22.32 -19.02
CA VAL B 10 -13.66 -22.13 -17.58
C VAL B 10 -14.46 -20.92 -17.12
N PRO B 11 -14.75 -20.86 -15.82
CA PRO B 11 -15.52 -19.75 -15.27
C PRO B 11 -14.69 -18.48 -15.19
N VAL B 12 -15.16 -17.42 -15.85
CA VAL B 12 -14.47 -16.15 -15.86
C VAL B 12 -15.41 -15.01 -15.48
N ASN B 13 -15.33 -14.56 -14.23
CA ASN B 13 -16.19 -13.49 -13.75
C ASN B 13 -17.65 -13.76 -14.07
N LEU B 14 -18.14 -14.92 -13.69
CA LEU B 14 -19.52 -15.31 -13.96
C LEU B 14 -20.49 -14.21 -13.57
N TYR B 15 -20.08 -13.39 -12.60
CA TYR B 15 -20.97 -12.36 -12.06
C TYR B 15 -20.22 -11.05 -11.83
N ARG B 16 -20.43 -10.09 -12.73
CA ARG B 16 -19.85 -8.76 -12.59
C ARG B 16 -20.26 -8.12 -11.27
N PRO B 17 -19.45 -7.18 -10.80
CA PRO B 17 -19.70 -6.54 -9.50
C PRO B 17 -20.93 -5.63 -9.55
N ASN B 18 -21.31 -5.24 -10.76
CA ASN B 18 -22.55 -4.49 -10.97
C ASN B 18 -23.76 -5.41 -10.86
N ALA B 19 -23.60 -6.65 -11.29
CA ALA B 19 -24.62 -7.67 -11.08
C ALA B 19 -24.02 -8.98 -10.59
N PRO B 20 -23.43 -8.94 -9.40
CA PRO B 20 -22.77 -10.12 -8.83
C PRO B 20 -23.72 -11.31 -8.75
N PHE B 21 -23.70 -12.00 -7.61
CA PHE B 21 -24.61 -13.11 -7.36
C PHE B 21 -25.02 -13.16 -5.90
N ILE B 22 -26.32 -12.99 -5.64
CA ILE B 22 -26.84 -12.96 -4.28
C ILE B 22 -26.78 -14.33 -3.64
N GLY B 23 -25.81 -14.52 -2.74
CA GLY B 23 -25.67 -15.77 -2.02
C GLY B 23 -26.11 -15.64 -0.57
N LYS B 24 -26.40 -16.78 0.06
CA LYS B 24 -26.81 -16.80 1.46
C LYS B 24 -25.87 -17.67 2.30
N VAL B 25 -25.55 -17.21 3.50
CA VAL B 25 -24.51 -17.82 4.31
C VAL B 25 -25.02 -19.08 5.01
N ILE B 26 -24.22 -20.14 4.96
CA ILE B 26 -24.60 -21.42 5.53
C ILE B 26 -23.79 -21.74 6.79
N SER B 27 -22.53 -21.34 6.78
CA SER B 27 -21.62 -21.69 7.86
C SER B 27 -20.68 -20.53 8.19
N ASN B 28 -20.34 -20.40 9.47
CA ASN B 28 -19.43 -19.35 9.92
C ASN B 28 -18.63 -19.80 11.13
N GLU B 29 -17.60 -20.60 10.89
CA GLU B 29 -16.86 -21.25 11.97
C GLU B 29 -15.46 -20.66 12.12
N PRO B 30 -15.14 -20.25 13.35
CA PRO B 30 -13.77 -19.85 13.67
C PRO B 30 -12.76 -20.96 13.37
N LEU B 31 -11.67 -20.60 12.72
CA LEU B 31 -10.64 -21.57 12.35
C LEU B 31 -9.48 -21.52 13.33
N VAL B 32 -9.14 -20.31 13.79
CA VAL B 32 -8.11 -20.15 14.81
C VAL B 32 -8.60 -20.65 16.17
N LYS B 33 -7.74 -21.39 16.86
CA LYS B 33 -8.12 -22.03 18.12
C LYS B 33 -7.77 -21.14 19.31
N GLU B 34 -8.24 -21.53 20.49
CA GLU B 34 -7.94 -20.79 21.71
C GLU B 34 -6.44 -20.54 21.85
N GLY B 35 -6.07 -19.28 22.04
CA GLY B 35 -4.69 -18.91 22.29
C GLY B 35 -4.04 -18.30 21.07
N GLY B 36 -4.51 -18.67 19.89
CA GLY B 36 -3.97 -18.15 18.64
C GLY B 36 -4.12 -16.65 18.52
N ILE B 37 -3.30 -16.04 17.65
CA ILE B 37 -3.43 -14.62 17.36
C ILE B 37 -4.34 -14.38 16.16
N GLY B 38 -5.29 -13.46 16.33
CA GLY B 38 -6.11 -12.99 15.23
C GLY B 38 -7.40 -13.78 15.10
N ILE B 39 -8.14 -13.54 14.02
CA ILE B 39 -9.44 -14.16 13.82
C ILE B 39 -9.66 -14.55 12.36
N VAL B 40 -9.83 -15.85 12.13
CA VAL B 40 -10.05 -16.36 10.78
C VAL B 40 -11.28 -17.26 10.71
N GLN B 41 -11.98 -17.23 9.58
CA GLN B 41 -13.30 -17.84 9.49
C GLN B 41 -13.46 -18.60 8.17
N HIS B 42 -13.80 -19.87 8.27
CA HIS B 42 -14.33 -20.62 7.14
C HIS B 42 -15.83 -20.42 6.99
N ILE B 43 -16.24 -19.97 5.81
CA ILE B 43 -17.63 -19.61 5.57
C ILE B 43 -18.14 -20.21 4.26
N LYS B 44 -19.06 -21.17 4.37
CA LYS B 44 -19.67 -21.79 3.21
C LYS B 44 -20.89 -21.01 2.74
N PHE B 45 -20.94 -20.69 1.46
CA PHE B 45 -22.05 -19.95 0.89
C PHE B 45 -22.92 -20.84 0.01
N ASP B 46 -24.23 -20.81 0.25
CA ASP B 46 -25.18 -21.51 -0.60
C ASP B 46 -25.05 -21.08 -2.06
N LEU B 47 -24.84 -22.06 -2.94
CA LEU B 47 -24.87 -21.81 -4.37
C LEU B 47 -26.19 -22.27 -4.99
N THR B 48 -27.30 -21.89 -4.36
CA THR B 48 -28.61 -22.29 -4.83
C THR B 48 -29.05 -21.46 -6.03
N GLY B 49 -29.04 -22.09 -7.21
CA GLY B 49 -29.53 -21.45 -8.43
C GLY B 49 -28.64 -20.30 -8.87
N GLY B 50 -28.03 -20.43 -10.03
CA GLY B 50 -27.11 -19.43 -10.54
C GLY B 50 -25.89 -20.04 -11.21
N ASN B 51 -25.54 -19.55 -12.39
CA ASN B 51 -24.39 -20.07 -13.13
C ASN B 51 -23.09 -19.62 -12.48
N LEU B 52 -22.82 -20.13 -11.28
CA LEU B 52 -21.55 -19.91 -10.62
C LEU B 52 -20.71 -21.17 -10.60
N LYS B 53 -19.90 -21.36 -11.65
CA LYS B 53 -18.91 -22.42 -11.67
C LYS B 53 -17.51 -21.88 -11.45
N TYR B 54 -16.67 -22.66 -10.76
CA TYR B 54 -15.33 -22.22 -10.41
C TYR B 54 -14.38 -23.41 -10.27
N ILE B 55 -13.11 -23.20 -10.62
CA ILE B 55 -12.09 -24.22 -10.44
C ILE B 55 -11.17 -23.88 -9.28
N GLU B 56 -10.21 -24.75 -9.00
CA GLU B 56 -9.37 -24.62 -7.83
C GLU B 56 -8.20 -23.67 -8.08
N GLY B 57 -7.91 -22.81 -7.10
CA GLY B 57 -6.88 -21.80 -7.24
C GLY B 57 -7.45 -20.46 -7.69
N GLN B 58 -8.76 -20.32 -7.62
CA GLN B 58 -9.44 -19.16 -8.21
C GLN B 58 -10.02 -18.27 -7.12
N SER B 59 -10.16 -16.99 -7.42
CA SER B 59 -10.57 -16.01 -6.42
C SER B 59 -11.90 -15.35 -6.81
N ILE B 60 -12.84 -15.35 -5.88
CA ILE B 60 -14.08 -14.61 -6.05
C ILE B 60 -14.05 -13.28 -5.31
N GLY B 61 -15.07 -12.46 -5.53
CA GLY B 61 -15.20 -11.19 -4.84
C GLY B 61 -16.40 -11.15 -3.90
N ILE B 62 -16.46 -10.12 -3.06
CA ILE B 62 -17.60 -9.94 -2.18
C ILE B 62 -17.75 -8.47 -1.78
N ILE B 63 -18.90 -7.89 -2.12
CA ILE B 63 -19.17 -6.48 -1.83
C ILE B 63 -20.31 -6.34 -0.83
N PRO B 64 -19.97 -6.11 0.43
CA PRO B 64 -20.97 -5.92 1.48
C PRO B 64 -22.00 -4.86 1.08
N PRO B 65 -23.18 -4.94 1.67
CA PRO B 65 -24.25 -3.98 1.38
C PRO B 65 -23.77 -2.54 1.48
N GLY B 66 -24.29 -1.82 2.47
CA GLY B 66 -23.92 -0.44 2.70
C GLY B 66 -23.45 0.26 1.43
N VAL B 67 -22.65 1.30 1.58
CA VAL B 67 -22.13 2.04 0.44
C VAL B 67 -21.57 3.39 0.87
N ASP B 68 -21.96 3.85 2.05
CA ASP B 68 -21.53 5.14 2.56
C ASP B 68 -20.13 5.06 3.18
N LYS B 69 -19.31 6.06 2.90
CA LYS B 69 -17.97 6.12 3.45
C LYS B 69 -17.39 7.54 3.35
N ASN B 70 -16.96 7.91 2.15
CA ASN B 70 -16.47 9.26 1.89
C ASN B 70 -15.83 9.37 0.51
N GLY B 71 -16.66 9.25 -0.53
CA GLY B 71 -16.22 9.39 -1.90
C GLY B 71 -17.07 8.61 -2.87
N LYS B 72 -17.17 7.31 -2.67
CA LYS B 72 -17.95 6.45 -3.54
C LYS B 72 -18.29 5.13 -2.88
N PRO B 73 -19.32 4.46 -3.38
CA PRO B 73 -19.69 3.13 -2.86
C PRO B 73 -18.50 2.19 -2.80
N GLU B 74 -18.46 1.34 -1.78
CA GLU B 74 -17.37 0.39 -1.60
C GLU B 74 -17.42 -0.71 -2.65
N LYS B 75 -16.25 -1.20 -3.05
CA LYS B 75 -16.16 -2.19 -4.12
C LYS B 75 -15.95 -3.59 -3.56
N LEU B 76 -16.15 -4.59 -4.40
CA LEU B 76 -15.85 -5.98 -4.04
C LEU B 76 -14.41 -6.12 -3.55
N ARG B 77 -14.19 -7.09 -2.67
CA ARG B 77 -12.84 -7.55 -2.36
C ARG B 77 -12.62 -8.99 -2.81
N LEU B 78 -11.47 -9.25 -3.41
CA LEU B 78 -11.10 -10.60 -3.81
C LEU B 78 -10.74 -11.45 -2.60
N TYR B 79 -11.17 -12.71 -2.61
CA TYR B 79 -10.76 -13.68 -1.60
C TYR B 79 -10.47 -15.03 -2.22
N SER B 80 -9.34 -15.63 -1.83
CA SER B 80 -8.99 -16.97 -2.27
C SER B 80 -10.10 -17.96 -1.91
N ILE B 81 -10.51 -18.76 -2.89
CA ILE B 81 -11.46 -19.83 -2.65
C ILE B 81 -10.80 -21.02 -1.97
N ALA B 82 -11.35 -21.42 -0.82
CA ALA B 82 -10.79 -22.54 -0.07
C ALA B 82 -11.58 -23.83 -0.32
N SER B 83 -12.46 -23.79 -1.32
CA SER B 83 -13.32 -24.92 -1.63
C SER B 83 -13.10 -25.41 -3.06
N THR B 84 -13.11 -26.72 -3.25
CA THR B 84 -13.01 -27.31 -4.57
C THR B 84 -14.25 -27.04 -5.40
N ARG B 85 -14.21 -27.41 -6.68
CA ARG B 85 -15.37 -27.31 -7.55
C ARG B 85 -16.61 -27.89 -6.90
N HIS B 86 -16.52 -29.14 -6.46
CA HIS B 86 -17.66 -29.84 -5.89
C HIS B 86 -18.12 -29.20 -4.60
N GLY B 87 -17.27 -28.36 -4.01
CA GLY B 87 -17.56 -27.70 -2.76
C GLY B 87 -17.34 -28.62 -1.57
N ASP B 88 -17.54 -28.09 -0.37
CA ASP B 88 -17.29 -28.85 0.86
C ASP B 88 -18.23 -30.06 0.95
N ASP B 89 -19.52 -29.81 0.81
CA ASP B 89 -20.51 -30.88 0.85
C ASP B 89 -20.51 -31.67 -0.45
N VAL B 90 -19.65 -31.28 -1.39
CA VAL B 90 -19.37 -32.08 -2.56
C VAL B 90 -20.64 -32.30 -3.40
N ASP B 91 -21.60 -31.41 -3.25
CA ASP B 91 -22.82 -31.45 -4.05
C ASP B 91 -22.83 -30.32 -5.07
N ASP B 92 -21.67 -29.70 -5.28
CA ASP B 92 -21.52 -28.69 -6.32
C ASP B 92 -22.58 -27.60 -6.18
N LYS B 93 -22.92 -27.26 -4.94
CA LYS B 93 -23.81 -26.13 -4.68
C LYS B 93 -23.36 -25.36 -3.45
N THR B 94 -22.04 -25.33 -3.22
CA THR B 94 -21.48 -24.59 -2.10
C THR B 94 -20.15 -23.94 -2.48
N ILE B 95 -19.86 -22.79 -1.89
CA ILE B 95 -18.55 -22.18 -2.01
C ILE B 95 -18.11 -21.58 -0.67
N SER B 96 -16.82 -21.76 -0.35
CA SER B 96 -16.30 -21.32 0.95
C SER B 96 -14.98 -20.58 0.78
N LEU B 97 -14.66 -19.73 1.75
CA LEU B 97 -13.41 -18.98 1.72
C LEU B 97 -12.73 -19.01 3.10
N CYS B 98 -11.48 -18.56 3.13
CA CYS B 98 -10.77 -18.37 4.40
C CYS B 98 -10.45 -16.90 4.63
N VAL B 99 -11.11 -16.30 5.62
CA VAL B 99 -11.11 -14.85 5.77
C VAL B 99 -10.53 -14.45 7.14
N ARG B 100 -9.58 -13.52 7.11
CA ARG B 100 -9.08 -12.90 8.34
C ARG B 100 -9.66 -11.50 8.52
N GLN B 101 -10.26 -11.26 9.67
CA GLN B 101 -10.67 -9.91 10.05
C GLN B 101 -9.48 -8.96 10.13
N LEU B 102 -9.42 -8.03 9.18
CA LEU B 102 -8.38 -7.00 9.20
C LEU B 102 -8.60 -6.03 10.35
N GLU B 103 -7.58 -5.90 11.21
CA GLU B 103 -7.59 -4.87 12.24
C GLU B 103 -6.19 -4.34 12.50
N TYR B 104 -6.09 -3.03 12.71
CA TYR B 104 -4.79 -2.38 12.93
C TYR B 104 -4.95 -1.08 13.72
N LYS B 105 -3.82 -0.47 14.06
CA LYS B 105 -3.82 0.88 14.61
C LYS B 105 -3.96 1.92 13.50
N HIS B 106 -4.64 3.02 13.81
CA HIS B 106 -4.56 4.22 12.99
C HIS B 106 -3.22 4.93 13.16
N PRO B 107 -2.54 5.18 12.05
CA PRO B 107 -1.17 5.68 12.08
C PRO B 107 -1.05 6.94 12.93
N GLU B 108 -2.12 7.72 12.99
CA GLU B 108 -2.09 9.01 13.65
C GLU B 108 -2.58 8.90 15.08
N SER B 109 -3.78 8.36 15.26
CA SER B 109 -4.47 8.42 16.54
C SER B 109 -3.90 7.40 17.52
N GLY B 110 -3.54 6.23 17.02
CA GLY B 110 -3.22 5.09 17.85
C GLY B 110 -4.40 4.15 18.03
N GLU B 111 -5.60 4.69 17.97
CA GLU B 111 -6.80 3.91 18.24
C GLU B 111 -6.92 2.73 17.29
N THR B 112 -7.88 1.84 17.58
CA THR B 112 -8.08 0.65 16.76
C THR B 112 -8.95 0.95 15.54
N VAL B 113 -8.65 0.30 14.42
CA VAL B 113 -9.48 0.39 13.23
C VAL B 113 -9.83 -1.00 12.69
N TYR B 114 -11.02 -1.11 12.11
CA TYR B 114 -11.42 -2.34 11.45
C TYR B 114 -11.62 -2.12 9.95
N GLY B 115 -11.21 -3.10 9.15
CA GLY B 115 -11.61 -3.18 7.76
C GLY B 115 -13.07 -3.56 7.59
N VAL B 116 -13.69 -3.10 6.50
CA VAL B 116 -15.11 -3.32 6.28
C VAL B 116 -15.41 -4.78 5.96
N CYS B 117 -14.99 -5.20 4.77
CA CYS B 117 -15.43 -6.47 4.21
C CYS B 117 -14.92 -7.64 5.04
N SER B 118 -13.87 -7.39 5.82
CA SER B 118 -13.21 -8.46 6.58
C SER B 118 -13.97 -8.75 7.87
N THR B 119 -14.32 -7.69 8.60
CA THR B 119 -15.18 -7.83 9.77
C THR B 119 -16.59 -8.23 9.37
N TYR B 120 -17.10 -7.60 8.32
CA TYR B 120 -18.48 -7.84 7.89
C TYR B 120 -18.70 -9.31 7.54
N LEU B 121 -17.68 -9.94 6.98
CA LEU B 121 -17.80 -11.31 6.47
C LEU B 121 -17.56 -12.33 7.57
N THR B 122 -16.52 -12.09 8.37
CA THR B 122 -16.18 -13.00 9.47
C THR B 122 -17.16 -12.88 10.62
N HIS B 123 -18.00 -11.84 10.57
CA HIS B 123 -18.97 -11.59 11.64
C HIS B 123 -20.39 -11.83 11.17
N ILE B 124 -20.53 -12.44 9.99
CA ILE B 124 -21.85 -12.73 9.42
C ILE B 124 -22.39 -14.05 9.94
N GLU B 125 -23.69 -14.27 9.74
CA GLU B 125 -24.37 -15.43 10.30
C GLU B 125 -25.23 -16.13 9.25
N PRO B 126 -25.37 -17.44 9.40
CA PRO B 126 -26.21 -18.22 8.49
C PRO B 126 -27.59 -17.61 8.32
N GLY B 127 -27.99 -17.39 7.07
CA GLY B 127 -29.22 -16.69 6.77
C GLY B 127 -28.99 -15.41 5.97
N SER B 128 -28.04 -14.60 6.42
CA SER B 128 -27.70 -13.36 5.72
C SER B 128 -27.34 -13.63 4.27
N GLU B 129 -27.64 -12.66 3.40
CA GLU B 129 -27.27 -12.76 1.99
C GLU B 129 -26.14 -11.80 1.66
N VAL B 130 -25.34 -12.16 0.65
CA VAL B 130 -24.13 -11.42 0.32
C VAL B 130 -23.85 -11.46 -1.18
N LYS B 131 -23.73 -10.28 -1.78
CA LYS B 131 -23.31 -10.17 -3.17
C LYS B 131 -22.03 -10.95 -3.44
N ILE B 132 -21.90 -11.49 -4.64
CA ILE B 132 -20.74 -12.30 -5.00
C ILE B 132 -20.37 -12.11 -6.47
N THR B 133 -19.22 -11.49 -6.72
CA THR B 133 -18.70 -11.37 -8.08
C THR B 133 -18.21 -12.72 -8.60
N GLY B 134 -18.47 -12.97 -9.88
CA GLY B 134 -18.12 -14.24 -10.50
C GLY B 134 -16.67 -14.63 -10.25
N PRO B 135 -16.31 -15.84 -10.66
CA PRO B 135 -14.95 -16.34 -10.43
C PRO B 135 -13.94 -15.66 -11.36
N VAL B 136 -12.82 -15.22 -10.78
CA VAL B 136 -11.74 -14.63 -11.56
C VAL B 136 -10.40 -15.25 -11.19
N GLY B 137 -9.42 -15.10 -12.08
CA GLY B 137 -8.06 -15.53 -11.80
C GLY B 137 -7.74 -16.87 -12.44
N LYS B 138 -6.84 -16.86 -13.43
CA LYS B 138 -6.34 -18.09 -14.01
C LYS B 138 -4.83 -18.21 -13.84
N GLU B 139 -4.36 -18.06 -12.61
CA GLU B 139 -2.95 -17.86 -12.34
C GLU B 139 -2.43 -18.86 -11.31
N MET B 140 -3.36 -19.42 -10.53
CA MET B 140 -2.99 -20.34 -9.45
C MET B 140 -3.69 -21.69 -9.62
N LEU B 141 -3.76 -22.16 -10.86
CA LEU B 141 -4.49 -23.39 -11.17
C LEU B 141 -3.61 -24.61 -10.99
N LEU B 142 -4.24 -25.74 -10.67
CA LEU B 142 -3.54 -27.02 -10.65
C LEU B 142 -3.11 -27.44 -12.05
N PRO B 143 -1.96 -28.11 -12.14
CA PRO B 143 -1.55 -28.74 -13.40
C PRO B 143 -2.38 -29.99 -13.70
N ASP B 144 -2.44 -30.36 -14.97
CA ASP B 144 -3.26 -31.47 -15.41
C ASP B 144 -2.55 -32.81 -15.19
N ASP B 145 -1.25 -32.74 -14.91
CA ASP B 145 -0.43 -33.94 -14.78
C ASP B 145 -0.67 -34.62 -13.44
N PRO B 146 -1.38 -35.75 -13.47
CA PRO B 146 -1.62 -36.54 -12.27
C PRO B 146 -0.32 -36.88 -11.54
N GLU B 147 0.76 -36.98 -12.30
CA GLU B 147 2.06 -37.36 -11.75
C GLU B 147 2.90 -36.13 -11.44
N ALA B 148 2.24 -34.99 -11.24
CA ALA B 148 2.93 -33.73 -10.99
C ALA B 148 3.43 -33.65 -9.55
N ASN B 149 4.63 -33.13 -9.38
CA ASN B 149 5.10 -32.70 -8.07
C ASN B 149 4.58 -31.30 -7.73
N VAL B 150 3.94 -31.18 -6.57
CA VAL B 150 3.28 -29.94 -6.19
C VAL B 150 3.89 -29.36 -4.92
N ILE B 151 4.48 -28.18 -5.03
CA ILE B 151 5.04 -27.48 -3.87
C ILE B 151 4.15 -26.32 -3.46
N MET B 152 3.79 -26.29 -2.18
CA MET B 152 2.84 -25.30 -1.67
C MET B 152 3.43 -24.52 -0.50
N LEU B 153 3.69 -23.24 -0.72
CA LEU B 153 4.20 -22.37 0.34
C LEU B 153 3.13 -21.37 0.78
N ALA B 154 2.73 -21.46 2.04
CA ALA B 154 1.56 -20.75 2.53
C ALA B 154 1.83 -20.10 3.88
N THR B 155 1.34 -18.88 4.06
CA THR B 155 1.13 -18.32 5.39
C THR B 155 -0.31 -17.84 5.57
N GLY B 156 -0.80 -17.88 6.80
CA GLY B 156 -2.14 -17.42 7.13
C GLY B 156 -3.17 -17.95 6.14
N THR B 157 -4.02 -17.06 5.64
CA THR B 157 -5.10 -17.47 4.75
C THR B 157 -4.58 -17.83 3.37
N GLY B 158 -3.26 -17.66 3.17
CA GLY B 158 -2.61 -18.05 1.95
C GLY B 158 -2.81 -19.53 1.63
N ILE B 159 -3.12 -20.32 2.66
CA ILE B 159 -3.34 -21.75 2.48
C ILE B 159 -4.67 -22.02 1.81
N ALA B 160 -5.49 -20.97 1.66
CA ALA B 160 -6.85 -21.11 1.18
C ALA B 160 -6.92 -21.87 -0.14
N PRO B 161 -6.16 -21.50 -1.16
CA PRO B 161 -6.17 -22.29 -2.40
C PRO B 161 -5.43 -23.61 -2.24
N MET B 162 -4.68 -23.73 -1.15
CA MET B 162 -3.96 -24.97 -0.85
C MET B 162 -4.92 -26.05 -0.37
N ARG B 163 -5.86 -25.68 0.50
CA ARG B 163 -6.99 -26.54 0.83
C ARG B 163 -7.59 -27.16 -0.42
N THR B 164 -7.90 -26.32 -1.39
CA THR B 164 -8.52 -26.78 -2.63
C THR B 164 -7.63 -27.78 -3.36
N TYR B 165 -6.35 -27.41 -3.52
CA TYR B 165 -5.36 -28.33 -4.07
C TYR B 165 -5.43 -29.69 -3.38
N LEU B 166 -5.30 -29.69 -2.06
CA LEU B 166 -5.17 -30.92 -1.29
C LEU B 166 -6.50 -31.67 -1.23
N TRP B 167 -7.59 -30.92 -1.10
CA TRP B 167 -8.92 -31.52 -1.06
C TRP B 167 -9.24 -32.26 -2.35
N ARG B 168 -8.66 -31.80 -3.46
CA ARG B 168 -8.89 -32.39 -4.76
C ARG B 168 -7.89 -33.50 -5.06
N MET B 169 -7.01 -33.78 -4.10
CA MET B 169 -5.88 -34.66 -4.32
C MET B 169 -6.05 -35.98 -3.55
N PHE B 170 -6.78 -35.91 -2.45
CA PHE B 170 -6.78 -37.01 -1.48
C PHE B 170 -8.19 -37.27 -0.94
N LYS B 171 -8.98 -36.21 -0.85
CA LYS B 171 -10.35 -36.33 -0.34
C LYS B 171 -11.10 -37.44 -1.07
N ASP B 172 -11.44 -38.50 -0.33
CA ASP B 172 -12.14 -39.63 -0.91
C ASP B 172 -13.42 -39.20 -1.61
N ALA B 173 -14.16 -38.29 -0.97
CA ALA B 173 -15.31 -37.67 -1.60
C ALA B 173 -14.96 -37.04 -2.94
N GLU B 174 -13.71 -36.60 -3.06
CA GLU B 174 -13.20 -36.05 -4.32
C GLU B 174 -12.64 -37.14 -5.21
N ARG B 175 -11.71 -37.92 -4.66
CA ARG B 175 -11.10 -39.03 -5.39
C ARG B 175 -12.17 -39.92 -6.02
N ALA B 176 -13.30 -40.07 -5.33
CA ALA B 176 -14.40 -40.88 -5.83
C ALA B 176 -15.27 -40.10 -6.81
N ALA B 177 -15.02 -38.80 -6.90
CA ALA B 177 -15.78 -37.94 -7.80
C ALA B 177 -14.89 -37.38 -8.91
N ASN B 178 -13.58 -37.60 -8.78
CA ASN B 178 -12.62 -37.05 -9.74
C ASN B 178 -11.83 -38.17 -10.43
N PRO B 179 -12.48 -38.84 -11.37
CA PRO B 179 -11.83 -39.92 -12.11
C PRO B 179 -10.82 -39.39 -13.13
N GLU B 180 -11.12 -38.22 -13.69
CA GLU B 180 -10.21 -37.57 -14.63
C GLU B 180 -8.95 -37.07 -13.93
N TYR B 181 -8.99 -37.06 -12.60
CA TYR B 181 -7.87 -36.55 -11.82
C TYR B 181 -7.65 -37.39 -10.56
N GLN B 182 -6.79 -38.40 -10.67
CA GLN B 182 -6.38 -39.18 -9.51
C GLN B 182 -4.89 -38.98 -9.22
N PHE B 183 -4.59 -38.21 -8.19
CA PHE B 183 -3.25 -37.65 -8.02
C PHE B 183 -2.23 -38.74 -7.70
N LYS B 184 -1.15 -38.76 -8.46
CA LYS B 184 -0.06 -39.72 -8.23
C LYS B 184 1.30 -39.03 -8.22
N GLY B 185 1.30 -37.75 -7.85
CA GLY B 185 2.53 -36.99 -7.72
C GLY B 185 2.94 -36.80 -6.27
N PHE B 186 3.88 -35.89 -6.03
CA PHE B 186 4.26 -35.53 -4.68
C PHE B 186 3.77 -34.13 -4.31
N SER B 187 3.35 -33.96 -3.06
CA SER B 187 2.78 -32.70 -2.61
C SER B 187 3.46 -32.21 -1.33
N TRP B 188 4.17 -31.10 -1.44
CA TRP B 188 4.82 -30.48 -0.28
C TRP B 188 4.11 -29.18 0.10
N LEU B 189 3.42 -29.21 1.23
CA LEU B 189 2.95 -27.99 1.88
C LEU B 189 3.87 -27.60 3.03
N VAL B 190 4.42 -26.40 2.97
CA VAL B 190 5.01 -25.75 4.14
C VAL B 190 4.15 -24.57 4.61
N PHE B 191 3.53 -24.74 5.77
CA PHE B 191 2.56 -23.77 6.26
C PHE B 191 3.16 -22.92 7.40
N GLY B 192 3.30 -21.62 7.14
CA GLY B 192 3.89 -20.71 8.10
C GLY B 192 2.84 -19.98 8.92
N VAL B 193 2.89 -20.14 10.23
CA VAL B 193 1.93 -19.50 11.13
C VAL B 193 2.53 -19.24 12.49
N PRO B 194 1.97 -18.27 13.21
CA PRO B 194 2.55 -17.83 14.48
C PRO B 194 2.42 -18.89 15.57
N THR B 195 1.26 -19.55 15.61
CA THR B 195 0.93 -20.42 16.73
C THR B 195 0.40 -21.77 16.25
N THR B 196 0.59 -22.80 17.06
CA THR B 196 -0.12 -24.06 16.89
C THR B 196 -1.61 -23.83 16.62
N PRO B 197 -2.34 -23.12 17.45
CA PRO B 197 -3.79 -23.00 17.24
C PRO B 197 -4.11 -22.03 16.10
N ASN B 198 -3.06 -21.46 15.50
CA ASN B 198 -3.21 -20.69 14.28
C ASN B 198 -2.89 -21.52 13.05
N ILE B 199 -2.68 -22.82 13.25
CA ILE B 199 -2.61 -23.76 12.14
C ILE B 199 -3.98 -23.98 11.52
N LEU B 200 -4.21 -23.32 10.39
CA LEU B 200 -5.48 -23.45 9.66
C LEU B 200 -5.66 -24.87 9.13
N TYR B 201 -6.74 -25.52 9.55
CA TYR B 201 -7.15 -26.78 8.96
C TYR B 201 -6.25 -27.93 9.40
N LYS B 202 -5.72 -27.81 10.61
CA LYS B 202 -4.73 -28.77 11.11
C LYS B 202 -5.25 -30.21 10.99
N GLU B 203 -6.43 -30.44 11.54
CA GLU B 203 -6.94 -31.80 11.70
C GLU B 203 -6.99 -32.54 10.37
N GLU B 204 -7.51 -31.87 9.34
CA GLU B 204 -7.61 -32.46 8.01
C GLU B 204 -6.24 -32.53 7.33
N LEU B 205 -5.35 -31.63 7.73
CA LEU B 205 -4.02 -31.56 7.14
C LEU B 205 -3.18 -32.78 7.52
N GLU B 206 -3.14 -33.08 8.81
CA GLU B 206 -2.52 -34.32 9.28
C GLU B 206 -3.26 -35.54 8.77
N GLU B 207 -4.59 -35.52 8.87
CA GLU B 207 -5.42 -36.60 8.34
C GLU B 207 -5.03 -36.96 6.92
N ILE B 208 -4.97 -35.96 6.05
CA ILE B 208 -4.48 -36.15 4.70
C ILE B 208 -3.15 -36.90 4.70
N GLN B 209 -2.11 -36.27 5.23
CA GLN B 209 -0.79 -36.86 5.27
C GLN B 209 -0.82 -38.26 5.88
N GLN B 210 -1.56 -38.40 6.97
CA GLN B 210 -1.79 -39.70 7.57
C GLN B 210 -2.25 -40.72 6.54
N LYS B 211 -3.23 -40.34 5.73
CA LYS B 211 -3.84 -41.25 4.77
C LYS B 211 -3.00 -41.37 3.50
N TYR B 212 -2.00 -40.51 3.38
CA TYR B 212 -1.14 -40.49 2.20
C TYR B 212 0.29 -40.12 2.56
N PRO B 213 1.03 -41.09 3.09
CA PRO B 213 2.38 -40.83 3.59
C PRO B 213 3.38 -40.61 2.44
N ASP B 214 2.97 -40.99 1.24
CA ASP B 214 3.89 -41.06 0.11
C ASP B 214 3.57 -39.98 -0.93
N ASN B 215 2.44 -39.33 -0.77
CA ASN B 215 1.94 -38.40 -1.77
C ASN B 215 1.96 -36.96 -1.28
N PHE B 216 1.92 -36.80 0.05
CA PHE B 216 1.89 -35.48 0.65
C PHE B 216 2.96 -35.34 1.74
N ARG B 217 3.57 -34.17 1.81
CA ARG B 217 4.49 -33.85 2.91
C ARG B 217 4.16 -32.49 3.52
N LEU B 218 3.83 -32.51 4.81
CA LEU B 218 3.32 -31.32 5.49
C LEU B 218 4.34 -30.77 6.47
N THR B 219 4.87 -29.58 6.17
CA THR B 219 5.86 -28.95 7.02
C THR B 219 5.30 -27.72 7.73
N TYR B 220 5.55 -27.63 9.02
CA TYR B 220 5.07 -26.50 9.82
C TYR B 220 6.19 -25.50 10.08
N ALA B 221 5.85 -24.21 10.01
CA ALA B 221 6.71 -23.15 10.53
C ALA B 221 5.96 -22.24 11.48
N ILE B 222 6.05 -22.55 12.77
CA ILE B 222 5.22 -21.89 13.78
C ILE B 222 6.04 -20.88 14.58
N SER B 223 5.74 -19.60 14.38
CA SER B 223 6.71 -18.53 14.65
C SER B 223 7.15 -18.54 16.12
N ARG B 224 6.18 -18.65 17.02
CA ARG B 224 6.42 -18.35 18.43
C ARG B 224 6.72 -19.62 19.22
N GLU B 225 6.93 -20.72 18.50
CA GLU B 225 6.95 -22.04 19.11
C GLU B 225 8.17 -22.84 18.68
N GLN B 226 8.84 -22.36 17.65
CA GLN B 226 10.09 -22.97 17.19
C GLN B 226 11.16 -21.92 16.93
N LYS B 227 12.41 -22.37 16.87
CA LYS B 227 13.51 -21.50 16.49
C LYS B 227 14.39 -22.13 15.41
N ASN B 228 15.09 -21.30 14.66
CA ASN B 228 16.08 -21.78 13.70
C ASN B 228 17.40 -22.11 14.41
N PRO B 229 18.24 -22.91 13.75
CA PRO B 229 19.56 -23.22 14.27
C PRO B 229 20.31 -21.97 14.69
N GLN B 230 20.08 -20.87 13.97
CA GLN B 230 20.70 -19.59 14.29
C GLN B 230 20.26 -19.10 15.67
N GLY B 231 19.10 -19.56 16.12
CA GLY B 231 18.48 -19.06 17.33
C GLY B 231 17.41 -18.03 17.05
N GLY B 232 17.00 -17.92 15.78
CA GLY B 232 15.90 -17.05 15.40
C GLY B 232 14.58 -17.79 15.33
N ARG B 233 13.50 -17.05 15.06
CA ARG B 233 12.17 -17.64 14.99
C ARG B 233 12.00 -18.45 13.71
N MET B 234 11.22 -19.53 13.79
CA MET B 234 10.93 -20.35 12.63
C MET B 234 9.83 -19.72 11.78
N TYR B 235 10.22 -18.89 10.83
CA TYR B 235 9.30 -18.39 9.82
C TYR B 235 9.40 -19.20 8.53
N ILE B 236 8.41 -19.05 7.66
CA ILE B 236 8.32 -19.87 6.46
C ILE B 236 9.63 -19.84 5.67
N GLN B 237 10.28 -18.68 5.66
CA GLN B 237 11.58 -18.54 5.01
C GLN B 237 12.62 -19.41 5.69
N ASP B 238 12.47 -19.60 7.00
CA ASP B 238 13.42 -20.37 7.78
C ASP B 238 13.40 -21.85 7.39
N ARG B 239 12.22 -22.34 7.08
CA ARG B 239 12.05 -23.74 6.69
C ARG B 239 12.38 -23.95 5.22
N VAL B 240 12.13 -22.93 4.41
CA VAL B 240 12.52 -22.95 3.00
C VAL B 240 14.04 -22.93 2.85
N ALA B 241 14.70 -22.21 3.74
CA ALA B 241 16.16 -22.23 3.80
C ALA B 241 16.67 -23.61 4.22
N GLU B 242 16.14 -24.13 5.31
CA GLU B 242 16.61 -25.40 5.87
C GLU B 242 16.34 -26.55 4.90
N HIS B 243 15.43 -26.32 3.95
CA HIS B 243 15.05 -27.36 3.00
C HIS B 243 15.34 -26.93 1.57
N ALA B 244 16.02 -25.80 1.43
CA ALA B 244 16.17 -25.16 0.12
C ALA B 244 16.76 -26.11 -0.90
N ASP B 245 17.68 -26.96 -0.44
CA ASP B 245 18.34 -27.92 -1.33
C ASP B 245 17.36 -28.93 -1.89
N GLU B 246 16.58 -29.54 -1.00
CA GLU B 246 15.53 -30.47 -1.41
C GLU B 246 14.55 -29.81 -2.38
N LEU B 247 14.32 -28.51 -2.18
CA LEU B 247 13.28 -27.80 -2.92
C LEU B 247 13.74 -27.48 -4.33
N TRP B 248 15.00 -27.06 -4.47
CA TRP B 248 15.62 -26.87 -5.77
C TRP B 248 15.50 -28.14 -6.62
N GLN B 249 15.95 -29.26 -6.06
CA GLN B 249 15.88 -30.55 -6.76
C GLN B 249 14.47 -30.81 -7.28
N LEU B 250 13.51 -30.89 -6.38
CA LEU B 250 12.11 -31.01 -6.76
C LEU B 250 11.73 -29.97 -7.81
N ILE B 251 12.15 -28.73 -7.58
CA ILE B 251 11.81 -27.63 -8.49
C ILE B 251 12.52 -27.80 -9.83
N LYS B 252 13.65 -28.50 -9.82
CA LYS B 252 14.37 -28.79 -11.04
C LYS B 252 13.66 -29.85 -11.88
N ASN B 253 12.83 -30.66 -11.22
CA ASN B 253 12.11 -31.72 -11.90
C ASN B 253 11.00 -31.16 -12.80
N GLN B 254 10.67 -31.90 -13.85
CA GLN B 254 9.92 -31.35 -14.97
C GLN B 254 8.44 -31.21 -14.62
N LYS B 255 7.94 -32.12 -13.80
CA LYS B 255 6.51 -32.16 -13.47
C LYS B 255 6.23 -31.44 -12.16
N THR B 256 6.97 -30.38 -11.90
CA THR B 256 6.81 -29.61 -10.66
C THR B 256 6.16 -28.26 -10.93
N HIS B 257 5.10 -27.97 -10.17
CA HIS B 257 4.61 -26.59 -10.05
C HIS B 257 4.71 -26.11 -8.60
N THR B 258 5.19 -24.89 -8.43
CA THR B 258 5.38 -24.31 -7.10
C THR B 258 4.43 -23.15 -6.87
N TYR B 259 3.64 -23.24 -5.79
CA TYR B 259 2.61 -22.24 -5.51
C TYR B 259 2.98 -21.41 -4.28
N ILE B 260 2.85 -20.09 -4.41
CA ILE B 260 3.10 -19.19 -3.29
C ILE B 260 1.91 -18.26 -3.06
N CYS B 261 1.53 -18.11 -1.79
CA CYS B 261 0.31 -17.37 -1.44
C CYS B 261 0.35 -16.90 0.01
N GLY B 262 -0.22 -15.73 0.26
CA GLY B 262 -0.16 -15.09 1.55
C GLY B 262 -0.06 -13.58 1.46
N LEU B 263 0.22 -12.93 2.59
CA LEU B 263 0.56 -11.51 2.57
C LEU B 263 1.96 -11.29 2.02
N ARG B 264 2.14 -10.16 1.34
CA ARG B 264 3.35 -9.94 0.54
C ARG B 264 4.58 -9.83 1.42
N GLY B 265 5.75 -9.97 0.81
CA GLY B 265 7.01 -9.91 1.53
C GLY B 265 7.60 -11.28 1.79
N MET B 266 6.79 -12.32 1.63
CA MET B 266 7.25 -13.69 1.86
C MET B 266 8.10 -14.19 0.69
N GLU B 267 7.92 -13.57 -0.47
CA GLU B 267 8.69 -13.93 -1.65
C GLU B 267 10.18 -13.69 -1.45
N GLU B 268 10.51 -12.57 -0.81
CA GLU B 268 11.90 -12.20 -0.57
C GLU B 268 12.67 -13.35 0.08
N GLY B 269 12.43 -13.56 1.37
CA GLY B 269 13.09 -14.60 2.12
C GLY B 269 13.04 -15.95 1.42
N ILE B 270 11.91 -16.23 0.78
CA ILE B 270 11.75 -17.46 0.01
C ILE B 270 12.68 -17.48 -1.20
N ASP B 271 12.92 -16.31 -1.78
CA ASP B 271 13.78 -16.19 -2.95
C ASP B 271 15.26 -16.30 -2.56
N ALA B 272 15.60 -15.77 -1.39
CA ALA B 272 16.98 -15.76 -0.92
C ALA B 272 17.48 -17.18 -0.66
N ALA B 273 16.64 -17.99 -0.03
CA ALA B 273 17.01 -19.36 0.31
C ALA B 273 17.21 -20.21 -0.94
N LEU B 274 16.30 -20.06 -1.90
CA LEU B 274 16.36 -20.82 -3.14
C LEU B 274 17.53 -20.37 -4.01
N SER B 275 17.84 -19.08 -3.94
CA SER B 275 19.02 -18.55 -4.61
C SER B 275 20.28 -19.31 -4.23
N ALA B 276 20.43 -19.57 -2.93
CA ALA B 276 21.60 -20.28 -2.42
C ALA B 276 21.72 -21.65 -3.07
N ALA B 277 20.60 -22.35 -3.22
CA ALA B 277 20.59 -23.69 -3.79
C ALA B 277 20.94 -23.65 -5.28
N ALA B 278 20.42 -22.65 -5.98
CA ALA B 278 20.63 -22.54 -7.41
C ALA B 278 21.93 -21.79 -7.72
N ALA B 279 22.46 -21.11 -6.71
CA ALA B 279 23.74 -20.42 -6.84
C ALA B 279 24.90 -21.36 -6.54
N LYS B 280 24.62 -22.65 -6.49
CA LYS B 280 25.65 -23.66 -6.26
C LYS B 280 26.12 -24.28 -7.57
N GLU B 281 25.18 -24.81 -8.33
CA GLU B 281 25.49 -25.43 -9.62
C GLU B 281 25.58 -24.38 -10.73
N GLY B 282 25.93 -23.15 -10.35
CA GLY B 282 26.15 -22.08 -11.29
C GLY B 282 24.88 -21.66 -12.01
N VAL B 283 23.74 -21.80 -11.32
CA VAL B 283 22.47 -21.31 -11.85
C VAL B 283 22.05 -20.02 -11.15
N THR B 284 21.45 -19.11 -11.92
CA THR B 284 21.01 -17.83 -11.39
C THR B 284 19.51 -17.84 -11.09
N TRP B 285 19.17 -17.88 -9.81
CA TRP B 285 17.81 -18.16 -9.39
C TRP B 285 16.82 -17.18 -10.02
N SER B 286 17.06 -15.90 -9.80
CA SER B 286 16.18 -14.86 -10.33
C SER B 286 15.94 -15.03 -11.83
N ASP B 287 16.98 -15.43 -12.53
CA ASP B 287 16.86 -15.77 -13.95
C ASP B 287 16.02 -17.01 -14.15
N TYR B 288 16.46 -18.13 -13.56
CA TYR B 288 15.72 -19.38 -13.63
C TYR B 288 14.26 -19.18 -13.24
N GLN B 289 14.03 -18.42 -12.17
CA GLN B 289 12.68 -18.12 -11.71
C GLN B 289 11.81 -17.62 -12.86
N LYS B 290 12.35 -16.70 -13.65
CA LYS B 290 11.67 -16.22 -14.84
C LYS B 290 11.34 -17.35 -15.80
N ASP B 291 12.26 -18.31 -15.91
CA ASP B 291 12.00 -19.54 -16.64
C ASP B 291 10.77 -20.25 -16.09
N LEU B 292 10.80 -20.57 -14.80
CA LEU B 292 9.72 -21.31 -14.17
C LEU B 292 8.37 -20.65 -14.40
N LYS B 293 8.29 -19.35 -14.12
CA LYS B 293 7.06 -18.60 -14.30
C LYS B 293 6.67 -18.53 -15.77
N LYS B 294 7.63 -18.17 -16.62
CA LYS B 294 7.40 -18.07 -18.06
C LYS B 294 7.12 -19.46 -18.66
N ALA B 295 7.60 -20.49 -17.99
CA ALA B 295 7.27 -21.87 -18.35
C ALA B 295 5.88 -22.26 -17.82
N GLY B 296 5.42 -21.53 -16.81
CA GLY B 296 4.12 -21.77 -16.21
C GLY B 296 4.20 -22.68 -15.00
N ARG B 297 5.38 -22.75 -14.38
CA ARG B 297 5.62 -23.68 -13.29
C ARG B 297 5.67 -22.94 -11.95
N TRP B 298 5.42 -21.63 -11.99
CA TRP B 298 5.64 -20.78 -10.82
C TRP B 298 4.46 -19.85 -10.60
N HIS B 299 3.55 -20.25 -9.73
CA HIS B 299 2.35 -19.47 -9.43
C HIS B 299 2.49 -18.75 -8.09
N VAL B 300 2.27 -17.43 -8.11
CA VAL B 300 2.39 -16.62 -6.92
C VAL B 300 1.20 -15.68 -6.78
N GLU B 301 0.67 -15.55 -5.56
CA GLU B 301 -0.42 -14.63 -5.29
C GLU B 301 -0.39 -14.14 -3.85
N THR B 302 0.24 -12.99 -3.63
CA THR B 302 0.30 -12.39 -2.30
C THR B 302 -0.50 -11.09 -2.24
N TYR B 303 -0.88 -10.68 -1.03
CA TYR B 303 -1.76 -9.54 -0.85
C TYR B 303 -1.48 -8.83 0.47
N ALA C 1 -14.86 8.14 -17.38
CA ALA C 1 -14.76 7.06 -18.36
C ALA C 1 -14.15 5.81 -17.74
N THR C 2 -13.83 4.83 -18.58
CA THR C 2 -13.29 3.57 -18.12
C THR C 2 -12.44 2.89 -19.19
N PHE C 3 -11.14 3.17 -19.15
CA PHE C 3 -10.26 2.89 -20.28
C PHE C 3 -9.60 1.52 -20.14
N LYS C 4 -9.23 0.93 -21.28
CA LYS C 4 -8.48 -0.32 -21.28
C LYS C 4 -7.01 -0.09 -20.97
N VAL C 5 -6.49 -0.88 -20.03
CA VAL C 5 -5.08 -0.80 -19.66
C VAL C 5 -4.38 -2.13 -19.86
N THR C 6 -3.78 -2.32 -21.03
CA THR C 6 -3.09 -3.56 -21.36
C THR C 6 -1.75 -3.64 -20.64
N LEU C 7 -1.68 -4.49 -19.62
CA LEU C 7 -0.43 -4.74 -18.91
C LEU C 7 0.52 -5.60 -19.73
N ILE C 8 1.65 -5.03 -20.13
CA ILE C 8 2.68 -5.77 -20.84
C ILE C 8 3.88 -6.05 -19.94
N ASN C 9 4.52 -7.19 -20.14
CA ASN C 9 5.65 -7.60 -19.31
C ASN C 9 6.84 -8.02 -20.17
N GLU C 10 7.99 -7.41 -19.92
CA GLU C 10 9.21 -7.76 -20.63
C GLU C 10 9.94 -8.92 -19.95
N ALA C 11 9.47 -10.13 -20.22
CA ALA C 11 10.08 -11.33 -19.64
C ALA C 11 9.31 -12.58 -20.02
N GLU C 12 8.25 -12.87 -19.27
CA GLU C 12 7.36 -13.99 -19.59
C GLU C 12 6.56 -13.71 -20.86
N GLY C 13 6.60 -12.46 -21.30
CA GLY C 13 5.86 -12.04 -22.48
C GLY C 13 4.37 -11.92 -22.23
N THR C 14 3.98 -10.92 -21.46
CA THR C 14 2.57 -10.72 -21.10
C THR C 14 2.00 -9.48 -21.76
N LYS C 15 0.82 -9.62 -22.35
CA LYS C 15 0.08 -8.49 -22.89
C LYS C 15 -1.34 -8.46 -22.33
N HIS C 16 -1.45 -8.56 -21.01
CA HIS C 16 -2.75 -8.75 -20.35
C HIS C 16 -3.60 -7.48 -20.45
N GLU C 17 -4.72 -7.58 -21.15
CA GLU C 17 -5.59 -6.43 -21.38
C GLU C 17 -6.65 -6.31 -20.30
N ILE C 18 -6.69 -5.17 -19.63
CA ILE C 18 -7.59 -4.96 -18.51
C ILE C 18 -8.39 -3.67 -18.66
N GLU C 19 -9.51 -3.57 -17.95
CA GLU C 19 -10.35 -2.38 -18.00
C GLU C 19 -10.29 -1.62 -16.67
N VAL C 20 -10.10 -0.30 -16.77
CA VAL C 20 -9.96 0.53 -15.59
C VAL C 20 -10.90 1.74 -15.64
N PRO C 21 -11.80 1.82 -14.66
CA PRO C 21 -12.63 3.02 -14.50
C PRO C 21 -11.78 4.30 -14.47
N ASP C 22 -12.45 5.44 -14.42
CA ASP C 22 -11.77 6.73 -14.35
C ASP C 22 -11.29 7.01 -12.93
N ASP C 23 -11.87 6.32 -11.96
CA ASP C 23 -11.56 6.55 -10.56
C ASP C 23 -11.04 5.28 -9.89
N GLU C 24 -9.86 4.84 -10.30
CA GLU C 24 -9.18 3.73 -9.64
C GLU C 24 -7.74 3.59 -10.15
N TYR C 25 -6.79 3.62 -9.22
CA TYR C 25 -5.39 3.42 -9.56
C TYR C 25 -5.20 2.18 -10.42
N ILE C 26 -4.25 2.24 -11.35
CA ILE C 26 -3.99 1.14 -12.27
C ILE C 26 -3.65 -0.14 -11.52
N LEU C 27 -3.12 0.02 -10.31
CA LEU C 27 -2.76 -1.13 -9.48
C LEU C 27 -3.98 -1.94 -9.10
N ASP C 28 -4.89 -1.33 -8.33
CA ASP C 28 -6.01 -2.06 -7.75
C ASP C 28 -6.87 -2.70 -8.82
N ALA C 29 -6.99 -2.03 -9.97
CA ALA C 29 -7.87 -2.50 -11.03
C ALA C 29 -7.46 -3.88 -11.53
N ALA C 30 -6.37 -3.92 -12.30
CA ALA C 30 -5.86 -5.19 -12.82
C ALA C 30 -5.55 -6.17 -11.69
N GLU C 31 -5.03 -5.64 -10.59
CA GLU C 31 -4.65 -6.47 -9.45
C GLU C 31 -5.79 -7.39 -9.01
N GLU C 32 -6.93 -6.78 -8.71
CA GLU C 32 -8.13 -7.55 -8.34
C GLU C 32 -8.82 -8.11 -9.58
N GLN C 33 -8.18 -7.93 -10.74
CA GLN C 33 -8.76 -8.38 -12.00
C GLN C 33 -8.17 -9.73 -12.42
N GLY C 34 -7.41 -10.34 -11.54
CA GLY C 34 -6.79 -11.63 -11.79
C GLY C 34 -5.30 -11.52 -12.06
N TYR C 35 -4.70 -10.40 -11.67
CA TYR C 35 -3.30 -10.13 -11.95
C TYR C 35 -2.58 -9.55 -10.73
N ASP C 36 -1.70 -10.35 -10.14
CA ASP C 36 -0.98 -9.92 -8.95
C ASP C 36 0.18 -9.00 -9.31
N LEU C 37 0.08 -7.74 -8.87
CA LEU C 37 1.03 -6.71 -9.28
C LEU C 37 2.06 -6.46 -8.18
N PRO C 38 3.26 -6.04 -8.59
CA PRO C 38 4.30 -5.66 -7.62
C PRO C 38 4.00 -4.31 -6.98
N PHE C 39 4.21 -4.22 -5.66
CA PHE C 39 3.95 -2.99 -4.93
C PHE C 39 4.46 -3.08 -3.49
N SER C 40 4.29 -2.01 -2.74
CA SER C 40 4.84 -1.93 -1.39
C SER C 40 4.03 -0.98 -0.52
N CYS C 41 4.32 0.31 -0.62
CA CYS C 41 3.71 1.31 0.24
C CYS C 41 2.29 1.64 -0.21
N ARG C 42 2.02 1.44 -1.50
CA ARG C 42 0.72 1.73 -2.08
C ARG C 42 0.28 3.15 -1.71
N ALA C 43 1.22 4.07 -1.70
CA ALA C 43 0.96 5.45 -1.29
C ALA C 43 1.79 6.44 -2.08
N GLY C 44 2.15 6.06 -3.31
CA GLY C 44 2.99 6.87 -4.16
C GLY C 44 4.29 7.26 -3.49
N ALA C 45 4.76 6.43 -2.56
CA ALA C 45 5.81 6.82 -1.63
C ALA C 45 7.02 5.90 -1.75
N CYS C 46 7.06 5.11 -2.82
CA CYS C 46 8.24 4.31 -3.12
C CYS C 46 8.29 3.93 -4.59
N SER C 47 9.11 2.94 -4.93
CA SER C 47 9.45 2.67 -6.32
C SER C 47 8.97 1.29 -6.75
N THR C 48 8.51 0.51 -5.78
CA THR C 48 8.19 -0.89 -6.02
C THR C 48 7.23 -1.05 -7.19
N CYS C 49 6.26 -0.14 -7.28
CA CYS C 49 5.17 -0.27 -8.24
C CYS C 49 5.46 0.53 -9.50
N ALA C 50 6.72 0.92 -9.68
CA ALA C 50 7.12 1.74 -10.81
C ALA C 50 6.66 1.15 -12.13
N GLY C 51 6.30 2.00 -13.07
CA GLY C 51 5.86 1.57 -14.39
C GLY C 51 6.44 2.42 -15.50
N LYS C 52 6.68 1.82 -16.66
CA LYS C 52 7.18 2.55 -17.82
C LYS C 52 6.16 2.59 -18.94
N LEU C 53 5.51 3.74 -19.09
CA LEU C 53 4.47 3.90 -20.12
C LEU C 53 5.00 3.53 -21.49
N VAL C 54 4.14 2.95 -22.31
CA VAL C 54 4.43 2.76 -23.73
C VAL C 54 3.63 3.72 -24.60
N SER C 55 2.35 3.41 -24.77
CA SER C 55 1.41 4.36 -25.36
C SER C 55 0.19 4.56 -24.46
N GLY C 56 -0.15 5.82 -24.20
CA GLY C 56 -1.26 6.17 -23.34
C GLY C 56 -0.94 7.30 -22.40
N THR C 57 -1.81 7.54 -21.42
CA THR C 57 -1.66 8.66 -20.51
C THR C 57 -2.37 8.41 -19.19
N VAL C 58 -1.78 8.90 -18.10
CA VAL C 58 -2.40 8.82 -16.79
C VAL C 58 -2.35 10.16 -16.06
N ASP C 59 -2.74 10.17 -14.80
CA ASP C 59 -2.79 11.41 -14.02
C ASP C 59 -1.95 11.29 -12.76
N GLN C 60 -0.97 12.18 -12.62
CA GLN C 60 -0.01 12.11 -11.53
C GLN C 60 -0.08 13.35 -10.65
N SER C 61 -1.20 13.52 -9.96
CA SER C 61 -1.41 14.70 -9.13
C SER C 61 -1.47 14.32 -7.65
N ASP C 62 -0.83 13.21 -7.30
CA ASP C 62 -0.93 12.66 -5.95
C ASP C 62 0.32 11.88 -5.59
N GLN C 63 1.47 12.55 -5.62
CA GLN C 63 2.75 11.86 -5.73
C GLN C 63 3.82 12.54 -4.89
N SER C 64 4.64 13.37 -5.54
CA SER C 64 5.66 14.14 -4.86
C SER C 64 6.88 13.28 -4.52
N PHE C 65 6.72 11.97 -4.68
CA PHE C 65 7.87 11.08 -4.82
C PHE C 65 8.19 10.84 -6.30
N LEU C 66 8.77 11.85 -6.94
CA LEU C 66 8.38 12.23 -8.30
C LEU C 66 9.42 13.15 -8.93
N ASP C 67 10.38 12.55 -9.61
CA ASP C 67 11.39 13.31 -10.34
C ASP C 67 10.86 13.80 -11.68
N ASP C 68 10.88 15.12 -11.87
CA ASP C 68 10.44 15.72 -13.13
C ASP C 68 11.17 15.09 -14.32
N ASP C 69 12.40 14.66 -14.10
CA ASP C 69 13.19 14.02 -15.14
C ASP C 69 12.76 12.58 -15.35
N GLN C 70 12.51 11.88 -14.24
CA GLN C 70 12.02 10.51 -14.30
C GLN C 70 10.67 10.44 -15.00
N ILE C 71 9.71 11.24 -14.52
CA ILE C 71 8.37 11.26 -15.08
C ILE C 71 8.38 11.73 -16.53
N GLU C 72 9.45 12.42 -16.92
CA GLU C 72 9.55 12.99 -18.25
C GLU C 72 9.71 11.89 -19.30
N ALA C 73 10.16 10.73 -18.88
CA ALA C 73 10.34 9.60 -19.78
C ALA C 73 9.02 8.86 -20.01
N GLY C 74 8.24 8.71 -18.94
CA GLY C 74 6.97 8.01 -19.00
C GLY C 74 6.80 7.04 -17.85
N TYR C 75 7.51 7.28 -16.75
CA TYR C 75 7.49 6.37 -15.62
C TYR C 75 6.30 6.64 -14.71
N VAL C 76 5.62 5.59 -14.29
CA VAL C 76 4.35 5.72 -13.56
C VAL C 76 4.39 4.94 -12.26
N LEU C 77 3.52 5.32 -11.33
CA LEU C 77 3.33 4.56 -10.09
C LEU C 77 1.94 3.94 -10.02
N THR C 78 1.85 2.67 -10.37
CA THR C 78 0.57 2.03 -10.65
C THR C 78 -0.40 2.19 -9.47
N CYS C 79 0.16 2.32 -8.27
CA CYS C 79 -0.66 2.35 -7.06
C CYS C 79 -1.33 3.71 -6.90
N VAL C 80 -1.10 4.61 -7.85
CA VAL C 80 -1.66 5.95 -7.79
C VAL C 80 -1.59 6.63 -9.14
N ALA C 81 -2.13 5.98 -10.16
CA ALA C 81 -2.20 6.57 -11.50
C ALA C 81 -3.58 6.37 -12.12
N TYR C 82 -4.29 7.48 -12.32
CA TYR C 82 -5.60 7.46 -12.96
C TYR C 82 -5.48 7.56 -14.47
N PRO C 83 -6.02 6.57 -15.18
CA PRO C 83 -6.04 6.60 -16.64
C PRO C 83 -6.64 7.90 -17.18
N THR C 84 -5.77 8.80 -17.64
CA THR C 84 -6.20 9.94 -18.44
C THR C 84 -6.34 9.55 -19.91
N SER C 85 -6.41 8.25 -20.17
CA SER C 85 -6.50 7.74 -21.53
C SER C 85 -6.40 6.22 -21.57
N ASP C 86 -6.60 5.64 -22.74
CA ASP C 86 -6.26 4.25 -22.97
C ASP C 86 -4.75 4.02 -22.88
N VAL C 87 -4.32 3.29 -21.86
CA VAL C 87 -2.92 3.29 -21.46
C VAL C 87 -2.30 1.90 -21.61
N VAL C 88 -1.36 1.80 -22.55
CA VAL C 88 -0.43 0.68 -22.56
C VAL C 88 0.80 0.98 -21.71
N ILE C 89 1.24 0.00 -20.94
CA ILE C 89 2.26 0.23 -19.92
C ILE C 89 2.99 -1.07 -19.56
N GLN C 90 4.28 -0.96 -19.28
CA GLN C 90 5.06 -2.11 -18.83
C GLN C 90 5.37 -2.01 -17.33
N THR C 91 5.04 -3.07 -16.59
CA THR C 91 5.23 -3.08 -15.15
C THR C 91 6.63 -3.55 -14.78
N HIS C 92 6.84 -3.84 -13.51
CA HIS C 92 8.13 -4.32 -13.02
C HIS C 92 9.25 -3.40 -13.46
N LYS C 93 8.97 -2.11 -13.56
CA LYS C 93 9.95 -1.14 -13.99
C LYS C 93 10.43 -0.28 -12.82
N GLU C 94 10.99 -0.93 -11.81
CA GLU C 94 11.46 -0.24 -10.61
C GLU C 94 12.99 -0.19 -10.56
N GLU C 95 13.62 -1.03 -11.37
CA GLU C 95 15.08 -1.09 -11.40
C GLU C 95 15.64 -0.11 -12.43
N ASP C 96 14.76 0.43 -13.27
CA ASP C 96 15.15 1.44 -14.25
C ASP C 96 15.60 2.73 -13.56
N LEU C 97 15.25 2.85 -12.28
CA LEU C 97 15.68 4.00 -11.49
C LEU C 97 16.85 3.64 -10.58
N TYR C 98 17.39 4.64 -9.88
CA TYR C 98 18.52 4.43 -8.99
C TYR C 98 19.79 4.13 -9.77
PA FAD D . 9.97 1.25 6.02
O1A FAD D . 9.92 1.46 4.55
O2A FAD D . 10.97 0.59 6.55
O5B FAD D . 8.77 0.32 6.18
C5B FAD D . 7.40 0.69 5.91
C4B FAD D . 6.74 -0.55 5.25
O4B FAD D . 5.97 -1.28 6.27
C3B FAD D . 5.71 -0.26 4.18
O3B FAD D . 6.16 0.35 3.02
C2B FAD D . 5.04 -1.62 4.09
O2B FAD D . 5.81 -2.57 3.41
C1B FAD D . 4.89 -2.03 5.54
N9A FAD D . 3.68 -1.55 6.21
C8A FAD D . 3.53 -0.32 6.78
N7A FAD D . 2.52 -0.28 7.65
C5A FAD D . 1.99 -1.54 7.63
C6A FAD D . 0.93 -2.16 8.44
N6A FAD D . 0.25 -1.54 9.40
N1A FAD D . 0.66 -3.48 8.12
C2A FAD D . 1.33 -4.16 7.14
N3A FAD D . 2.32 -3.66 6.36
C4A FAD D . 2.62 -2.34 6.65
N1 FAD D . 7.16 10.66 6.62
C2 FAD D . 7.37 11.41 7.67
O2 FAD D . 7.30 10.98 8.76
N3 FAD D . 7.69 12.79 7.57
C4 FAD D . 7.63 13.43 6.36
O4 FAD D . 7.91 14.60 6.28
C4X FAD D . 7.24 12.62 5.21
N5 FAD D . 7.18 13.21 4.01
C5X FAD D . 6.96 12.37 2.95
C6 FAD D . 6.89 12.96 1.69
C7 FAD D . 6.79 12.21 0.56
C7M FAD D . 6.72 12.87 -0.78
C8 FAD D . 6.64 10.80 0.67
C8M FAD D . 6.39 9.95 -0.53
C9 FAD D . 6.50 10.23 1.91
C9A FAD D . 6.71 10.99 3.05
N10 FAD D . 6.80 10.41 4.32
C10 FAD D . 7.02 11.20 5.40
C1' FAD D . 6.85 8.92 4.42
C2' FAD D . 8.30 8.40 4.53
O2' FAD D . 8.95 8.74 3.30
C3' FAD D . 8.34 6.89 4.68
O3' FAD D . 7.41 6.30 3.75
C4' FAD D . 7.84 6.55 6.06
O4' FAD D . 8.54 7.35 7.05
C5' FAD D . 8.09 5.08 6.33
O5' FAD D . 9.45 4.98 7.14
P FAD D . 10.40 3.84 7.02
O1P FAD D . 11.33 3.93 6.01
O2P FAD D . 11.02 3.88 8.43
O3P FAD D . 9.65 2.60 6.76
PA FAD E . -10.53 -2.24 4.01
O1A FAD E . -10.92 -2.07 2.60
O2A FAD E . -11.23 -1.64 4.96
O5B FAD E . -9.21 -1.49 4.01
C5B FAD E . -8.25 -1.51 2.91
C4B FAD E . -7.08 -0.60 3.34
O4B FAD E . -6.71 -0.91 4.74
C3B FAD E . -5.78 -0.82 2.60
O3B FAD E . -5.77 -0.53 1.23
C2B FAD E . -4.82 -0.07 3.52
O2B FAD E . -4.91 1.32 3.38
C1B FAD E . -5.29 -0.50 4.90
N9A FAD E . -4.66 -1.69 5.43
C8A FAD E . -4.86 -2.98 4.98
N7A FAD E . -4.23 -3.88 5.72
C5A FAD E . -3.58 -3.17 6.69
C6A FAD E . -2.71 -3.60 7.80
N6A FAD E . -2.38 -4.86 8.06
N1A FAD E . -2.24 -2.57 8.59
C2A FAD E . -2.55 -1.26 8.36
N3A FAD E . -3.34 -0.78 7.37
C4A FAD E . -3.84 -1.78 6.55
N1 FAD E . -7.98 -12.09 2.46
C2 FAD E . -8.26 -13.11 3.25
O2 FAD E . -8.44 -12.95 4.39
N3 FAD E . -8.32 -14.44 2.79
C4 FAD E . -7.94 -14.77 1.51
O4 FAD E . -8.02 -15.92 1.13
C4X FAD E . -7.55 -13.67 0.65
N5 FAD E . -7.26 -13.91 -0.63
C5X FAD E . -6.99 -12.84 -1.42
C6 FAD E . -6.69 -13.09 -2.76
C7 FAD E . -6.61 -12.08 -3.65
C7M FAD E . -6.28 -12.38 -5.08
C8 FAD E . -6.61 -10.73 -3.20
C8M FAD E . -6.30 -9.59 -4.11
C9 FAD E . -6.78 -10.46 -1.86
C9A FAD E . -7.07 -11.51 -0.99
N10 FAD E . -7.29 -11.27 0.37
C10 FAD E . -7.56 -12.32 1.18
C1' FAD E . -6.99 -9.90 0.92
C2' FAD E . -8.28 -9.20 1.42
O2' FAD E . -8.97 -8.76 0.26
C3' FAD E . -7.95 -8.00 2.27
O3' FAD E . -6.58 -8.09 2.71
C4' FAD E . -8.81 -8.06 3.51
O4' FAD E . -10.13 -8.57 3.17
C5' FAD E . -8.93 -6.68 4.12
O5' FAD E . -10.27 -6.04 3.54
P FAD E . -11.05 -4.98 4.26
O1P FAD E . -12.24 -4.62 3.68
O2P FAD E . -11.21 -5.67 5.62
O3P FAD E . -10.25 -3.74 4.33
FE1 FES F . 5.06 2.50 -3.20
FE2 FES F . 3.40 2.45 -5.38
S1 FES F . 3.78 0.77 -3.97
S2 FES F . 4.71 4.08 -4.74
#